data_1ICQ
#
_entry.id   1ICQ
#
_cell.length_a   53.583
_cell.length_b   72.759
_cell.length_c   72.616
_cell.angle_alpha   62.42
_cell.angle_beta   85.19
_cell.angle_gamma   79.96
#
_symmetry.space_group_name_H-M   'P 1'
#
loop_
_entity.id
_entity.type
_entity.pdbx_description
1 polymer '12-OXOPHYTODIENOATE REDUCTASE 1'
2 non-polymer 'FLAVIN MONONUCLEOTIDE'
3 non-polymer '9R,13R-12-OXOPHYTODIENOIC ACID'
4 water water
#
_entity_poly.entity_id   1
_entity_poly.type   'polypeptide(L)'
_entity_poly.pdbx_seq_one_letter_code
;MENKVVEEKQVDKIPLMSPCKMGKFELCHRVVLAPLTRQRSYGYIPQPHAILHYSQRSTNGGLLIGEATVISETGIGYKD
VPGIWTKEQVEAWKPIVDAVHAKGGIFFCQIWHVGRVSNKDFQPNGEDPISCTDRGLTPQIMSNGIDIAHFTRPRRLTTD
EIPQIVNEFRVAARNAIEAGFDGVEIHGAHGYLIDQFMKDQVNDRSDKYGGSLENRCRFALEIVEAVANEIGSDRVGIRI
SPFAHYNEAGDTNPTALGLYMVESLNKYDLAYCHVVEPRMKTAWEKIECTESLVPMRKAYKGTFIVAGGYDREDGNRALI
EDRADLVAYGRLFISNPDLPKRFELNAPLNKYNRDTFYTSDPIVGYTDYPFLETMT
;
_entity_poly.pdbx_strand_id   A,B
#
# COMPACT_ATOMS: atom_id res chain seq x y z
N VAL A 11 39.51 32.57 -31.80
CA VAL A 11 38.30 32.62 -30.91
C VAL A 11 38.69 32.49 -29.43
N ASP A 12 38.16 33.38 -28.61
CA ASP A 12 38.44 33.36 -27.18
C ASP A 12 38.04 32.03 -26.56
N LYS A 13 38.84 31.51 -25.65
CA LYS A 13 38.48 30.27 -24.98
C LYS A 13 37.25 30.54 -24.13
N ILE A 14 36.46 29.51 -23.89
CA ILE A 14 35.26 29.66 -23.08
C ILE A 14 35.19 28.57 -22.04
N PRO A 15 34.50 28.85 -20.92
CA PRO A 15 34.32 27.91 -19.81
C PRO A 15 33.77 26.54 -20.23
N LEU A 16 32.84 26.52 -21.19
CA LEU A 16 32.26 25.26 -21.66
C LEU A 16 33.31 24.27 -22.19
N MET A 17 34.41 24.78 -22.71
CA MET A 17 35.45 23.91 -23.25
C MET A 17 36.50 23.51 -22.22
N SER A 18 36.28 23.91 -20.98
CA SER A 18 37.23 23.61 -19.93
C SER A 18 37.20 22.18 -19.40
N PRO A 19 38.37 21.56 -19.25
CA PRO A 19 38.42 20.19 -18.71
C PRO A 19 37.75 20.18 -17.35
N CYS A 20 37.23 19.03 -16.95
CA CYS A 20 36.58 18.91 -15.68
C CYS A 20 36.80 17.53 -15.08
N LYS A 21 37.10 17.48 -13.80
CA LYS A 21 37.29 16.19 -13.17
C LYS A 21 35.93 15.77 -12.61
N MET A 22 35.53 14.54 -12.92
CA MET A 22 34.28 14.01 -12.41
C MET A 22 34.42 12.56 -11.95
N GLY A 23 34.55 12.37 -10.64
CA GLY A 23 34.72 11.03 -10.10
C GLY A 23 36.06 10.48 -10.53
N LYS A 24 36.05 9.29 -11.12
CA LYS A 24 37.28 8.68 -11.59
C LYS A 24 37.60 9.15 -13.00
N PHE A 25 36.76 10.02 -13.55
CA PHE A 25 36.96 10.48 -14.92
C PHE A 25 37.50 11.87 -15.09
N GLU A 26 38.35 12.01 -16.10
CA GLU A 26 38.95 13.28 -16.44
C GLU A 26 38.27 13.70 -17.74
N LEU A 27 37.26 14.57 -17.66
CA LEU A 27 36.56 15.04 -18.85
C LEU A 27 37.36 16.16 -19.48
N CYS A 28 37.34 16.25 -20.80
CA CYS A 28 38.11 17.28 -21.50
C CYS A 28 37.33 18.55 -21.74
N HIS A 29 36.01 18.50 -21.64
CA HIS A 29 35.17 19.67 -21.80
C HIS A 29 33.88 19.46 -21.00
N ARG A 30 33.05 20.48 -20.96
CA ARG A 30 31.84 20.42 -20.17
C ARG A 30 30.52 20.42 -20.91
N VAL A 31 30.55 20.13 -22.21
CA VAL A 31 29.31 20.07 -22.97
C VAL A 31 28.94 18.58 -22.95
N VAL A 32 27.84 18.27 -22.27
CA VAL A 32 27.40 16.89 -22.13
C VAL A 32 26.23 16.52 -23.03
N LEU A 33 26.26 15.30 -23.56
CA LEU A 33 25.18 14.81 -24.39
C LEU A 33 24.08 14.36 -23.43
N ALA A 34 22.94 15.04 -23.47
CA ALA A 34 21.84 14.66 -22.62
C ALA A 34 21.23 13.35 -23.15
N PRO A 35 20.54 12.60 -22.28
CA PRO A 35 19.89 11.34 -22.66
C PRO A 35 18.75 11.69 -23.62
N LEU A 36 18.67 10.98 -24.74
CA LEU A 36 17.63 11.26 -25.72
C LEU A 36 16.97 10.03 -26.35
N THR A 37 15.76 9.73 -25.90
CA THR A 37 14.99 8.61 -26.43
C THR A 37 14.68 8.94 -27.89
N ARG A 38 15.06 8.02 -28.77
CA ARG A 38 14.86 8.24 -30.20
C ARG A 38 13.96 7.17 -30.83
N GLN A 39 13.56 6.19 -30.04
CA GLN A 39 12.67 5.13 -30.50
C GLN A 39 13.10 4.38 -31.77
N ARG A 40 14.39 4.11 -31.89
CA ARG A 40 14.86 3.40 -33.06
C ARG A 40 15.53 2.05 -32.71
N SER A 41 15.22 1.52 -31.54
CA SER A 41 15.79 0.24 -31.10
C SER A 41 14.78 -0.90 -31.28
N TYR A 42 14.53 -1.24 -32.55
CA TYR A 42 13.60 -2.28 -32.97
C TYR A 42 13.60 -3.51 -32.06
N GLY A 43 12.41 -3.91 -31.64
CA GLY A 43 12.27 -5.07 -30.79
C GLY A 43 12.94 -4.91 -29.44
N TYR A 44 13.23 -3.66 -29.07
CA TYR A 44 13.86 -3.35 -27.77
C TYR A 44 15.31 -3.79 -27.70
N ILE A 45 15.91 -3.95 -28.87
CA ILE A 45 17.29 -4.36 -28.96
C ILE A 45 18.09 -3.22 -29.60
N PRO A 46 19.21 -2.81 -28.98
CA PRO A 46 20.03 -1.72 -29.53
C PRO A 46 20.38 -2.10 -30.96
N GLN A 47 20.42 -1.13 -31.87
CA GLN A 47 20.69 -1.44 -33.27
C GLN A 47 22.01 -0.90 -33.79
N PRO A 48 22.46 -1.45 -34.93
CA PRO A 48 23.71 -1.02 -35.57
C PRO A 48 23.75 0.49 -35.85
N HIS A 49 22.64 1.09 -36.26
CA HIS A 49 22.69 2.52 -36.53
C HIS A 49 23.04 3.36 -35.29
N ALA A 50 22.84 2.80 -34.10
CA ALA A 50 23.18 3.48 -32.85
C ALA A 50 24.71 3.61 -32.71
N ILE A 51 25.45 2.69 -33.30
CA ILE A 51 26.91 2.71 -33.25
C ILE A 51 27.38 3.99 -33.92
N LEU A 52 26.77 4.32 -35.06
CA LEU A 52 27.12 5.52 -35.77
C LEU A 52 26.63 6.78 -35.05
N HIS A 53 25.38 6.79 -34.63
CA HIS A 53 24.82 7.96 -33.94
C HIS A 53 25.67 8.41 -32.75
N TYR A 54 25.95 7.48 -31.85
CA TYR A 54 26.74 7.79 -30.68
C TYR A 54 28.16 8.10 -31.07
N SER A 55 28.67 7.42 -32.09
CA SER A 55 30.03 7.66 -32.51
C SER A 55 30.20 9.09 -33.04
N GLN A 56 29.22 9.57 -33.80
CA GLN A 56 29.26 10.92 -34.38
C GLN A 56 29.32 11.99 -33.29
N ARG A 57 28.78 11.65 -32.12
CA ARG A 57 28.74 12.62 -31.03
C ARG A 57 29.80 12.42 -29.99
N SER A 58 30.67 11.44 -30.20
CA SER A 58 31.75 11.15 -29.25
C SER A 58 32.95 12.07 -29.40
N THR A 59 33.51 12.49 -28.26
CA THR A 59 34.71 13.33 -28.27
C THR A 59 35.68 12.78 -27.24
N ASN A 60 36.93 13.16 -27.39
CA ASN A 60 37.92 12.68 -26.45
C ASN A 60 37.63 13.34 -25.10
N GLY A 61 37.26 12.52 -24.13
CA GLY A 61 36.97 13.01 -22.79
C GLY A 61 35.64 13.73 -22.64
N GLY A 62 34.73 13.54 -23.60
CA GLY A 62 33.42 14.15 -23.51
C GLY A 62 32.45 13.17 -22.87
N LEU A 63 31.54 13.66 -22.03
CA LEU A 63 30.57 12.79 -21.37
C LEU A 63 29.33 12.60 -22.21
N LEU A 64 28.98 11.34 -22.45
CA LEU A 64 27.78 10.98 -23.21
C LEU A 64 26.87 10.17 -22.33
N ILE A 65 25.61 10.58 -22.27
CA ILE A 65 24.62 9.87 -21.50
C ILE A 65 23.69 9.31 -22.56
N GLY A 66 23.53 7.99 -22.54
CA GLY A 66 22.68 7.35 -23.53
C GLY A 66 21.20 7.45 -23.22
N GLU A 67 20.39 7.25 -24.25
CA GLU A 67 18.92 7.29 -24.16
C GLU A 67 18.42 6.38 -23.08
N ALA A 68 17.29 6.74 -22.48
CA ALA A 68 16.69 5.94 -21.42
C ALA A 68 16.66 4.48 -21.87
N THR A 69 17.11 3.58 -21.00
CA THR A 69 17.15 2.15 -21.35
C THR A 69 16.35 1.37 -20.34
N VAL A 70 15.43 0.56 -20.85
CA VAL A 70 14.53 -0.21 -20.00
C VAL A 70 15.23 -1.31 -19.20
N ILE A 71 14.89 -1.41 -17.92
CA ILE A 71 15.51 -2.41 -17.06
C ILE A 71 14.79 -3.77 -17.00
N SER A 72 13.55 -3.82 -17.50
CA SER A 72 12.77 -5.07 -17.48
C SER A 72 11.58 -4.96 -18.42
N GLU A 73 10.90 -6.08 -18.66
CA GLU A 73 9.73 -6.08 -19.54
C GLU A 73 8.64 -5.14 -19.06
N THR A 74 8.49 -5.02 -17.74
CA THR A 74 7.47 -4.15 -17.19
C THR A 74 7.81 -2.66 -17.31
N GLY A 75 9.05 -2.37 -17.70
CA GLY A 75 9.46 -0.97 -17.82
C GLY A 75 9.26 -0.36 -19.19
N ILE A 76 8.50 -1.03 -20.03
CA ILE A 76 8.23 -0.57 -21.37
C ILE A 76 6.97 0.28 -21.41
N GLY A 77 7.07 1.47 -22.01
CA GLY A 77 5.91 2.34 -22.11
C GLY A 77 5.91 2.97 -23.48
N TYR A 78 6.88 2.54 -24.30
CA TYR A 78 7.04 3.07 -25.64
C TYR A 78 7.54 2.00 -26.59
N LYS A 79 7.39 2.26 -27.89
CA LYS A 79 7.85 1.33 -28.90
C LYS A 79 9.32 1.55 -29.22
N ASP A 80 10.00 0.45 -29.49
CA ASP A 80 11.40 0.45 -29.90
C ASP A 80 12.42 1.29 -29.11
N VAL A 81 12.33 1.21 -27.79
CA VAL A 81 13.30 1.88 -26.94
C VAL A 81 14.19 0.71 -26.52
N PRO A 82 15.48 0.96 -26.35
CA PRO A 82 16.37 -0.15 -25.97
C PRO A 82 16.21 -0.68 -24.56
N GLY A 83 16.50 -1.97 -24.41
CA GLY A 83 16.45 -2.58 -23.10
C GLY A 83 17.84 -3.09 -22.76
N ILE A 84 18.02 -3.60 -21.56
CA ILE A 84 19.34 -4.12 -21.18
C ILE A 84 19.15 -5.20 -20.12
N TRP A 85 18.07 -5.94 -20.25
CA TRP A 85 17.78 -7.02 -19.31
C TRP A 85 18.08 -8.41 -19.87
N THR A 86 18.39 -8.52 -21.16
CA THR A 86 18.69 -9.83 -21.76
C THR A 86 20.15 -9.90 -22.23
N LYS A 87 20.65 -11.11 -22.49
CA LYS A 87 22.01 -11.26 -22.96
C LYS A 87 22.09 -10.76 -24.38
N GLU A 88 20.96 -10.84 -25.08
CA GLU A 88 20.93 -10.36 -26.46
C GLU A 88 21.09 -8.85 -26.48
N GLN A 89 20.42 -8.15 -25.57
CA GLN A 89 20.51 -6.70 -25.52
C GLN A 89 21.91 -6.25 -25.10
N VAL A 90 22.46 -6.93 -24.08
CA VAL A 90 23.80 -6.63 -23.60
C VAL A 90 24.81 -6.73 -24.73
N GLU A 91 24.70 -7.80 -25.51
CA GLU A 91 25.62 -7.99 -26.61
C GLU A 91 25.43 -6.93 -27.70
N ALA A 92 24.19 -6.53 -27.95
CA ALA A 92 23.90 -5.50 -28.97
C ALA A 92 24.45 -4.12 -28.55
N TRP A 93 24.58 -3.89 -27.24
CA TRP A 93 25.12 -2.61 -26.75
C TRP A 93 26.64 -2.49 -26.91
N LYS A 94 27.37 -3.59 -26.69
CA LYS A 94 28.83 -3.58 -26.77
C LYS A 94 29.43 -2.83 -27.94
N PRO A 95 28.94 -3.08 -29.16
CA PRO A 95 29.48 -2.39 -30.32
C PRO A 95 29.31 -0.88 -30.22
N ILE A 96 28.15 -0.44 -29.71
CA ILE A 96 27.87 0.98 -29.53
C ILE A 96 28.85 1.53 -28.50
N VAL A 97 28.95 0.86 -27.36
CA VAL A 97 29.88 1.29 -26.32
C VAL A 97 31.32 1.32 -26.87
N ASP A 98 31.67 0.36 -27.73
CA ASP A 98 33.00 0.32 -28.31
C ASP A 98 33.28 1.52 -29.22
N ALA A 99 32.30 1.92 -30.02
CA ALA A 99 32.49 3.06 -30.93
C ALA A 99 32.75 4.35 -30.14
N VAL A 100 32.00 4.55 -29.07
CA VAL A 100 32.18 5.73 -28.24
C VAL A 100 33.58 5.68 -27.61
N HIS A 101 33.95 4.51 -27.07
CA HIS A 101 35.28 4.35 -26.48
C HIS A 101 36.41 4.56 -27.46
N ALA A 102 36.18 4.21 -28.72
CA ALA A 102 37.20 4.37 -29.73
C ALA A 102 37.56 5.85 -29.95
N LYS A 103 36.69 6.77 -29.53
CA LYS A 103 37.01 8.20 -29.70
C LYS A 103 37.32 8.91 -28.39
N GLY A 104 37.54 8.11 -27.33
CA GLY A 104 37.89 8.66 -26.04
C GLY A 104 36.74 9.14 -25.18
N GLY A 105 35.52 8.79 -25.59
CA GLY A 105 34.35 9.21 -24.84
C GLY A 105 34.05 8.41 -23.59
N ILE A 106 33.32 9.04 -22.67
CA ILE A 106 32.88 8.43 -21.43
C ILE A 106 31.37 8.23 -21.62
N PHE A 107 30.93 6.99 -21.48
CA PHE A 107 29.56 6.62 -21.76
C PHE A 107 28.80 6.11 -20.55
N PHE A 108 27.72 6.81 -20.18
CA PHE A 108 26.89 6.35 -19.07
C PHE A 108 25.61 5.86 -19.69
N CYS A 109 25.10 4.74 -19.17
CA CYS A 109 23.85 4.17 -19.65
C CYS A 109 22.75 4.68 -18.74
N GLN A 110 21.68 5.26 -19.28
CA GLN A 110 20.61 5.71 -18.39
C GLN A 110 19.61 4.57 -18.21
N ILE A 111 19.49 4.08 -16.98
CA ILE A 111 18.58 2.97 -16.69
C ILE A 111 17.24 3.51 -16.25
N TRP A 112 16.21 2.95 -16.87
CA TRP A 112 14.86 3.46 -16.75
C TRP A 112 13.71 2.49 -16.61
N HIS A 113 12.66 2.95 -15.91
CA HIS A 113 11.42 2.21 -15.75
C HIS A 113 10.31 3.25 -15.84
N VAL A 114 9.35 3.04 -16.74
CA VAL A 114 8.28 4.01 -16.92
C VAL A 114 7.19 4.05 -15.87
N GLY A 115 7.05 2.99 -15.08
CA GLY A 115 6.00 2.96 -14.08
C GLY A 115 4.64 3.05 -14.74
N ARG A 116 3.74 3.86 -14.21
CA ARG A 116 2.41 3.98 -14.79
C ARG A 116 2.35 4.60 -16.18
N VAL A 117 3.46 5.13 -16.70
CA VAL A 117 3.40 5.73 -18.04
C VAL A 117 3.53 4.61 -19.06
N SER A 118 2.48 3.78 -19.12
CA SER A 118 2.49 2.63 -20.02
C SER A 118 1.06 2.14 -20.25
N ASN A 119 0.95 1.07 -21.04
CA ASN A 119 -0.33 0.49 -21.34
C ASN A 119 -0.20 -1.04 -21.25
N LYS A 120 -1.26 -1.71 -20.84
CA LYS A 120 -1.23 -3.15 -20.73
C LYS A 120 -0.75 -3.81 -22.03
N ASP A 121 -0.91 -3.13 -23.17
CA ASP A 121 -0.46 -3.71 -24.44
C ASP A 121 1.05 -3.77 -24.58
N PHE A 122 1.77 -3.04 -23.73
CA PHE A 122 3.23 -3.04 -23.75
C PHE A 122 3.74 -4.04 -22.71
N GLN A 123 2.86 -4.46 -21.82
CA GLN A 123 3.23 -5.33 -20.72
C GLN A 123 3.23 -6.84 -20.99
N PRO A 124 4.05 -7.60 -20.24
CA PRO A 124 4.17 -9.05 -20.37
C PRO A 124 2.82 -9.68 -20.06
N ASN A 125 2.32 -10.52 -20.96
CA ASN A 125 1.04 -11.21 -20.78
C ASN A 125 -0.13 -10.24 -20.56
N GLY A 126 -0.03 -9.04 -21.12
CA GLY A 126 -1.11 -8.06 -20.98
C GLY A 126 -1.42 -7.61 -19.56
N GLU A 127 -0.44 -7.70 -18.67
CA GLU A 127 -0.62 -7.29 -17.27
C GLU A 127 -0.68 -5.75 -17.16
N ASP A 128 -1.13 -5.26 -16.00
CA ASP A 128 -1.19 -3.82 -15.77
C ASP A 128 0.17 -3.20 -15.43
N PRO A 129 0.40 -1.95 -15.85
CA PRO A 129 1.67 -1.30 -15.54
C PRO A 129 1.78 -1.24 -14.01
N ILE A 130 2.98 -1.02 -13.48
CA ILE A 130 3.15 -0.93 -12.03
C ILE A 130 3.55 0.49 -11.63
N SER A 131 3.17 0.90 -10.43
CA SER A 131 3.47 2.24 -9.95
C SER A 131 3.35 2.30 -8.43
N CYS A 132 3.62 3.48 -7.89
CA CYS A 132 3.54 3.71 -6.45
C CYS A 132 2.08 3.89 -6.10
N THR A 133 1.28 4.21 -7.11
CA THR A 133 -0.14 4.44 -6.88
C THR A 133 -0.97 3.58 -7.83
N ASP A 134 -2.29 3.61 -7.66
CA ASP A 134 -3.16 2.85 -8.55
C ASP A 134 -3.97 3.77 -9.43
N ARG A 135 -3.50 5.01 -9.58
CA ARG A 135 -4.19 6.02 -10.39
C ARG A 135 -3.56 6.18 -11.77
N GLY A 136 -4.37 6.04 -12.82
CA GLY A 136 -3.86 6.17 -14.17
C GLY A 136 -3.73 7.59 -14.70
N LEU A 137 -2.98 7.72 -15.80
CA LEU A 137 -2.78 9.01 -16.43
C LEU A 137 -3.92 9.31 -17.40
N THR A 138 -4.17 10.59 -17.61
CA THR A 138 -5.21 10.97 -18.58
C THR A 138 -4.53 10.90 -19.95
N PRO A 139 -5.31 10.72 -21.02
CA PRO A 139 -4.73 10.64 -22.36
C PRO A 139 -3.95 11.87 -22.80
N GLN A 140 -2.92 11.64 -23.60
CA GLN A 140 -2.10 12.74 -24.08
C GLN A 140 -1.99 12.65 -25.59
N ILE A 141 -1.78 13.80 -26.22
CA ILE A 141 -1.61 13.86 -27.65
C ILE A 141 -0.14 13.52 -27.94
N MET A 142 0.07 12.54 -28.81
CA MET A 142 1.42 12.13 -29.16
C MET A 142 2.13 13.16 -30.01
N SER A 143 3.45 13.09 -30.03
CA SER A 143 4.28 14.03 -30.75
C SER A 143 3.86 14.34 -32.17
N ASN A 144 3.06 13.47 -32.80
CA ASN A 144 2.65 13.75 -34.17
C ASN A 144 1.40 14.63 -34.23
N GLY A 145 0.93 15.05 -33.06
CA GLY A 145 -0.25 15.92 -33.00
C GLY A 145 -1.55 15.29 -33.46
N ILE A 146 -1.48 14.09 -34.02
CA ILE A 146 -2.68 13.41 -34.50
C ILE A 146 -3.16 12.30 -33.57
N ASP A 147 -2.28 11.34 -33.31
CA ASP A 147 -2.63 10.23 -32.45
C ASP A 147 -2.63 10.58 -30.97
N ILE A 148 -3.41 9.81 -30.21
CA ILE A 148 -3.54 10.01 -28.77
C ILE A 148 -3.04 8.80 -28.01
N ALA A 149 -2.17 9.03 -27.02
CA ALA A 149 -1.64 7.96 -26.20
C ALA A 149 -2.57 7.70 -25.03
N HIS A 150 -2.97 6.44 -24.85
CA HIS A 150 -3.85 6.06 -23.74
C HIS A 150 -3.02 5.23 -22.77
N PHE A 151 -3.29 5.40 -21.48
CA PHE A 151 -2.54 4.68 -20.46
C PHE A 151 -3.41 3.78 -19.62
N THR A 152 -2.83 2.67 -19.15
CA THR A 152 -3.57 1.74 -18.32
C THR A 152 -3.38 2.13 -16.87
N ARG A 153 -4.47 2.05 -16.10
CA ARG A 153 -4.38 2.36 -14.68
C ARG A 153 -3.39 1.34 -14.13
N PRO A 154 -2.39 1.81 -13.38
CA PRO A 154 -1.38 0.91 -12.83
C PRO A 154 -1.83 0.13 -11.63
N ARG A 155 -1.08 -0.91 -11.36
CA ARG A 155 -1.35 -1.73 -10.20
C ARG A 155 -0.42 -1.08 -9.19
N ARG A 156 -0.90 -0.86 -7.96
CA ARG A 156 -0.05 -0.27 -6.92
C ARG A 156 0.90 -1.35 -6.38
N LEU A 157 2.20 -1.16 -6.54
CA LEU A 157 3.15 -2.15 -6.02
C LEU A 157 2.95 -2.35 -4.53
N THR A 158 3.07 -3.59 -4.05
CA THR A 158 2.94 -3.85 -2.62
C THR A 158 4.30 -3.52 -2.02
N THR A 159 4.33 -3.30 -0.71
CA THR A 159 5.55 -2.97 0.00
C THR A 159 6.70 -3.95 -0.21
N ASP A 160 6.42 -5.25 -0.15
CA ASP A 160 7.48 -6.23 -0.32
C ASP A 160 7.92 -6.49 -1.75
N GLU A 161 7.15 -5.97 -2.71
CA GLU A 161 7.49 -6.11 -4.12
C GLU A 161 8.48 -5.03 -4.57
N ILE A 162 8.48 -3.92 -3.85
CA ILE A 162 9.35 -2.83 -4.22
C ILE A 162 10.84 -3.21 -4.28
N PRO A 163 11.35 -3.95 -3.28
CA PRO A 163 12.77 -4.34 -3.32
C PRO A 163 13.13 -5.15 -4.59
N GLN A 164 12.15 -5.87 -5.13
CA GLN A 164 12.40 -6.65 -6.36
C GLN A 164 12.61 -5.68 -7.53
N ILE A 165 11.93 -4.54 -7.47
CA ILE A 165 12.05 -3.53 -8.52
C ILE A 165 13.39 -2.79 -8.39
N VAL A 166 13.79 -2.55 -7.15
CA VAL A 166 15.07 -1.90 -6.88
C VAL A 166 16.14 -2.84 -7.43
N ASN A 167 15.89 -4.15 -7.29
CA ASN A 167 16.84 -5.13 -7.77
C ASN A 167 17.00 -5.09 -9.28
N GLU A 168 15.94 -4.77 -10.00
CA GLU A 168 16.01 -4.71 -11.47
C GLU A 168 16.95 -3.58 -11.91
N PHE A 169 16.94 -2.48 -11.16
CA PHE A 169 17.84 -1.38 -11.47
C PHE A 169 19.27 -1.87 -11.18
N ARG A 170 19.43 -2.61 -10.09
CA ARG A 170 20.75 -3.12 -9.73
C ARG A 170 21.30 -4.05 -10.81
N VAL A 171 20.48 -4.99 -11.24
CA VAL A 171 20.88 -5.94 -12.28
C VAL A 171 21.15 -5.20 -13.59
N ALA A 172 20.29 -4.24 -13.92
CA ALA A 172 20.47 -3.46 -15.15
C ALA A 172 21.83 -2.76 -15.11
N ALA A 173 22.14 -2.15 -13.97
CA ALA A 173 23.43 -1.46 -13.81
C ALA A 173 24.59 -2.42 -14.07
N ARG A 174 24.49 -3.63 -13.52
CA ARG A 174 25.52 -4.66 -13.71
C ARG A 174 25.61 -4.98 -15.19
N ASN A 175 24.46 -5.21 -15.82
CA ASN A 175 24.46 -5.52 -17.25
C ASN A 175 25.09 -4.38 -18.04
N ALA A 176 24.88 -3.15 -17.58
CA ALA A 176 25.44 -2.00 -18.29
C ALA A 176 26.96 -2.09 -18.25
N ILE A 177 27.50 -2.44 -17.10
CA ILE A 177 28.94 -2.57 -16.94
C ILE A 177 29.42 -3.68 -17.85
N GLU A 178 28.69 -4.79 -17.88
CA GLU A 178 29.06 -5.91 -18.73
C GLU A 178 29.12 -5.54 -20.21
N ALA A 179 28.24 -4.63 -20.64
CA ALA A 179 28.23 -4.21 -22.04
C ALA A 179 29.37 -3.23 -22.32
N GLY A 180 30.12 -2.89 -21.27
CA GLY A 180 31.23 -1.97 -21.42
C GLY A 180 31.01 -0.51 -20.99
N PHE A 181 29.82 -0.17 -20.51
CA PHE A 181 29.56 1.21 -20.10
C PHE A 181 30.45 1.70 -18.95
N ASP A 182 30.89 2.94 -19.05
CA ASP A 182 31.71 3.55 -18.02
C ASP A 182 30.92 3.73 -16.72
N GLY A 183 29.61 3.91 -16.84
CA GLY A 183 28.78 4.08 -15.66
C GLY A 183 27.31 4.09 -16.02
N VAL A 184 26.46 4.38 -15.04
CA VAL A 184 25.03 4.44 -15.32
C VAL A 184 24.40 5.67 -14.70
N GLU A 185 23.35 6.18 -15.35
CA GLU A 185 22.60 7.32 -14.83
C GLU A 185 21.23 6.75 -14.46
N ILE A 186 20.86 6.92 -13.19
CA ILE A 186 19.57 6.45 -12.73
C ILE A 186 18.50 7.47 -13.17
N HIS A 187 17.52 7.02 -13.95
CA HIS A 187 16.49 7.95 -14.43
C HIS A 187 15.47 8.28 -13.35
N GLY A 188 15.72 9.33 -12.58
CA GLY A 188 14.77 9.68 -11.55
C GLY A 188 13.94 10.91 -11.89
N ALA A 189 13.71 11.16 -13.18
CA ALA A 189 12.97 12.34 -13.58
C ALA A 189 11.70 12.09 -14.40
N HIS A 190 11.12 13.21 -14.83
CA HIS A 190 9.96 13.27 -15.73
C HIS A 190 8.71 12.44 -15.50
N GLY A 191 8.41 12.19 -14.23
CA GLY A 191 7.22 11.44 -13.93
C GLY A 191 7.30 9.97 -14.20
N TYR A 192 8.50 9.41 -14.39
CA TYR A 192 8.58 7.99 -14.62
C TYR A 192 8.57 7.30 -13.27
N LEU A 193 8.80 5.99 -13.20
CA LEU A 193 8.66 5.29 -11.92
C LEU A 193 9.28 5.93 -10.69
N ILE A 194 10.56 6.26 -10.73
CA ILE A 194 11.20 6.85 -9.54
C ILE A 194 10.59 8.22 -9.15
N ASP A 195 10.34 9.08 -10.12
CA ASP A 195 9.75 10.41 -9.88
C ASP A 195 8.32 10.24 -9.36
N GLN A 196 7.66 9.16 -9.78
CA GLN A 196 6.29 8.86 -9.35
C GLN A 196 6.26 8.67 -7.83
N PHE A 197 7.30 8.02 -7.30
CA PHE A 197 7.38 7.80 -5.86
C PHE A 197 7.76 9.10 -5.13
N MET A 198 8.55 9.95 -5.78
CA MET A 198 8.98 11.19 -5.17
C MET A 198 7.96 12.31 -5.12
N LYS A 199 7.17 12.44 -6.19
CA LYS A 199 6.18 13.51 -6.31
C LYS A 199 4.89 13.34 -5.51
N ASP A 200 4.59 14.27 -4.60
CA ASP A 200 3.38 14.12 -3.80
C ASP A 200 2.05 14.22 -4.57
N GLN A 201 2.06 14.69 -5.81
CA GLN A 201 0.81 14.70 -6.56
C GLN A 201 0.59 13.29 -7.11
N VAL A 202 1.55 12.39 -6.91
CA VAL A 202 1.42 11.02 -7.42
C VAL A 202 1.47 9.97 -6.33
N ASN A 203 2.41 10.13 -5.41
CA ASN A 203 2.58 9.16 -4.34
C ASN A 203 1.59 9.38 -3.20
N ASP A 204 0.50 8.64 -3.21
CA ASP A 204 -0.49 8.72 -2.15
C ASP A 204 -0.40 7.44 -1.32
N ARG A 205 0.80 6.85 -1.27
CA ARG A 205 1.00 5.62 -0.51
C ARG A 205 0.84 5.93 0.98
N SER A 206 0.49 4.92 1.76
CA SER A 206 0.35 5.11 3.19
C SER A 206 1.21 4.10 3.97
N ASP A 207 2.25 3.60 3.30
CA ASP A 207 3.20 2.68 3.91
C ASP A 207 4.52 3.45 4.02
N LYS A 208 5.63 2.76 4.28
CA LYS A 208 6.92 3.45 4.44
C LYS A 208 7.47 4.15 3.20
N TYR A 209 6.83 3.96 2.05
CA TYR A 209 7.28 4.60 0.82
C TYR A 209 6.45 5.83 0.46
N GLY A 210 5.73 6.37 1.44
CA GLY A 210 4.92 7.56 1.21
C GLY A 210 4.58 8.27 2.50
N GLY A 211 3.89 9.41 2.39
CA GLY A 211 3.47 10.15 3.57
C GLY A 211 4.35 11.27 4.06
N SER A 212 5.61 11.31 3.63
CA SER A 212 6.56 12.33 4.03
C SER A 212 7.60 12.51 2.95
N LEU A 213 8.35 13.61 3.01
CA LEU A 213 9.37 13.86 2.01
C LEU A 213 10.36 12.70 2.03
N GLU A 214 10.77 12.33 3.24
CA GLU A 214 11.71 11.24 3.45
C GLU A 214 11.18 9.93 2.87
N ASN A 215 9.91 9.62 3.14
CA ASN A 215 9.31 8.39 2.65
C ASN A 215 9.18 8.36 1.13
N ARG A 216 8.75 9.47 0.56
CA ARG A 216 8.60 9.51 -0.89
C ARG A 216 9.95 9.31 -1.60
N CYS A 217 11.05 9.71 -0.95
CA CYS A 217 12.37 9.57 -1.57
C CYS A 217 13.06 8.24 -1.30
N ARG A 218 12.48 7.43 -0.43
CA ARG A 218 13.07 6.15 -0.06
C ARG A 218 13.39 5.25 -1.25
N PHE A 219 12.45 5.13 -2.17
CA PHE A 219 12.62 4.28 -3.33
C PHE A 219 13.83 4.72 -4.17
N ALA A 220 13.91 6.01 -4.44
CA ALA A 220 14.99 6.60 -5.23
C ALA A 220 16.35 6.37 -4.58
N LEU A 221 16.42 6.60 -3.26
CA LEU A 221 17.67 6.41 -2.53
C LEU A 221 18.02 4.94 -2.35
N GLU A 222 17.03 4.06 -2.26
CA GLU A 222 17.29 2.62 -2.14
C GLU A 222 17.90 2.13 -3.46
N ILE A 223 17.47 2.73 -4.56
CA ILE A 223 18.01 2.37 -5.86
C ILE A 223 19.45 2.85 -5.97
N VAL A 224 19.70 4.08 -5.55
CA VAL A 224 21.04 4.66 -5.59
C VAL A 224 22.01 3.73 -4.84
N GLU A 225 21.60 3.32 -3.65
CA GLU A 225 22.42 2.46 -2.82
C GLU A 225 22.68 1.11 -3.49
N ALA A 226 21.64 0.45 -3.98
CA ALA A 226 21.82 -0.85 -4.62
C ALA A 226 22.73 -0.73 -5.86
N VAL A 227 22.51 0.31 -6.65
CA VAL A 227 23.32 0.50 -7.85
C VAL A 227 24.76 0.82 -7.47
N ALA A 228 24.92 1.78 -6.55
CA ALA A 228 26.26 2.17 -6.11
C ALA A 228 27.00 0.95 -5.55
N ASN A 229 26.34 0.16 -4.71
CA ASN A 229 26.98 -1.01 -4.15
C ASN A 229 27.36 -2.01 -5.23
N GLU A 230 26.48 -2.16 -6.22
CA GLU A 230 26.73 -3.11 -7.30
C GLU A 230 27.90 -2.78 -8.22
N ILE A 231 28.09 -1.50 -8.55
CA ILE A 231 29.18 -1.16 -9.45
C ILE A 231 30.12 -0.04 -8.99
N GLY A 232 29.89 0.50 -7.81
CA GLY A 232 30.74 1.55 -7.31
C GLY A 232 30.17 2.93 -7.55
N SER A 233 30.07 3.72 -6.49
CA SER A 233 29.49 5.05 -6.54
C SER A 233 30.14 5.98 -7.57
N ASP A 234 31.43 5.86 -7.81
CA ASP A 234 32.07 6.73 -8.78
C ASP A 234 31.71 6.41 -10.23
N ARG A 235 30.84 5.42 -10.41
CA ARG A 235 30.38 5.04 -11.76
C ARG A 235 28.86 5.26 -11.81
N VAL A 236 28.33 5.97 -10.83
CA VAL A 236 26.89 6.20 -10.75
C VAL A 236 26.47 7.67 -10.71
N GLY A 237 25.44 7.98 -11.49
CA GLY A 237 24.91 9.32 -11.51
C GLY A 237 23.42 9.16 -11.38
N ILE A 238 22.71 10.26 -11.18
CA ILE A 238 21.25 10.21 -11.07
C ILE A 238 20.67 11.50 -11.64
N ARG A 239 19.52 11.39 -12.31
CA ARG A 239 18.86 12.54 -12.89
C ARG A 239 17.51 12.77 -12.24
N ILE A 240 17.25 14.01 -11.86
CA ILE A 240 15.99 14.39 -11.24
C ILE A 240 15.46 15.70 -11.82
N SER A 241 14.14 15.89 -11.73
CA SER A 241 13.49 17.08 -12.24
C SER A 241 12.42 17.52 -11.25
N PRO A 242 12.84 17.99 -10.06
CA PRO A 242 11.94 18.45 -9.00
C PRO A 242 10.82 19.40 -9.44
N PHE A 243 11.14 20.31 -10.35
CA PHE A 243 10.14 21.27 -10.80
C PHE A 243 9.34 20.85 -12.02
N ALA A 244 9.64 19.69 -12.60
CA ALA A 244 8.89 19.26 -13.77
C ALA A 244 7.53 18.67 -13.39
N HIS A 245 6.54 18.89 -14.24
CA HIS A 245 5.18 18.42 -14.02
C HIS A 245 4.82 17.37 -15.06
N TYR A 246 5.76 17.08 -15.96
CA TYR A 246 5.55 16.10 -17.02
C TYR A 246 4.94 14.81 -16.46
N ASN A 247 3.89 14.32 -17.11
CA ASN A 247 3.17 13.11 -16.71
C ASN A 247 2.39 13.24 -15.40
N GLU A 248 1.82 14.41 -15.17
CA GLU A 248 1.01 14.66 -13.98
C GLU A 248 1.76 14.33 -12.70
N ALA A 249 3.05 14.67 -12.69
CA ALA A 249 3.92 14.41 -11.55
C ALA A 249 4.55 15.69 -10.97
N GLY A 250 3.72 16.57 -10.42
CA GLY A 250 4.27 17.77 -9.82
C GLY A 250 4.38 17.53 -8.32
N ASP A 251 4.88 18.52 -7.59
CA ASP A 251 5.01 18.41 -6.14
C ASP A 251 4.64 19.74 -5.51
N THR A 252 3.97 19.71 -4.37
CA THR A 252 3.58 20.95 -3.69
C THR A 252 4.75 21.74 -3.13
N ASN A 253 5.91 21.11 -2.97
CA ASN A 253 7.07 21.82 -2.46
C ASN A 253 8.32 21.35 -3.19
N PRO A 254 8.44 21.73 -4.47
CA PRO A 254 9.54 21.38 -5.35
C PRO A 254 10.92 21.74 -4.84
N THR A 255 11.07 22.98 -4.35
CA THR A 255 12.37 23.42 -3.89
C THR A 255 12.84 22.60 -2.69
N ALA A 256 11.91 22.25 -1.82
CA ALA A 256 12.28 21.46 -0.66
C ALA A 256 12.55 20.03 -1.12
N LEU A 257 11.75 19.53 -2.05
CA LEU A 257 11.97 18.18 -2.57
C LEU A 257 13.38 18.11 -3.15
N GLY A 258 13.73 19.11 -3.94
CA GLY A 258 15.05 19.12 -4.57
C GLY A 258 16.19 19.24 -3.58
N LEU A 259 16.01 20.12 -2.59
CA LEU A 259 17.03 20.32 -1.58
C LEU A 259 17.26 19.00 -0.84
N TYR A 260 16.17 18.36 -0.45
CA TYR A 260 16.25 17.11 0.25
C TYR A 260 17.02 16.04 -0.52
N MET A 261 16.74 15.92 -1.81
CA MET A 261 17.44 14.91 -2.60
C MET A 261 18.94 15.16 -2.71
N VAL A 262 19.33 16.39 -3.03
CA VAL A 262 20.75 16.64 -3.17
C VAL A 262 21.48 16.48 -1.84
N GLU A 263 20.84 16.85 -0.73
CA GLU A 263 21.47 16.71 0.57
C GLU A 263 21.61 15.21 0.91
N SER A 264 20.60 14.42 0.59
CA SER A 264 20.63 12.99 0.84
C SER A 264 21.63 12.30 -0.05
N LEU A 265 21.78 12.79 -1.28
CA LEU A 265 22.70 12.20 -2.24
C LEU A 265 24.17 12.42 -1.87
N ASN A 266 24.46 13.44 -1.08
CA ASN A 266 25.86 13.71 -0.74
C ASN A 266 26.62 12.52 -0.16
N LYS A 267 26.00 11.81 0.77
CA LYS A 267 26.64 10.67 1.42
C LYS A 267 27.02 9.53 0.49
N TYR A 268 26.44 9.48 -0.71
CA TYR A 268 26.76 8.37 -1.62
C TYR A 268 27.98 8.58 -2.51
N ASP A 269 28.50 9.81 -2.50
CA ASP A 269 29.69 10.15 -3.29
C ASP A 269 29.58 9.72 -4.77
N LEU A 270 28.44 10.04 -5.35
CA LEU A 270 28.17 9.72 -6.75
C LEU A 270 29.12 10.42 -7.72
N ALA A 271 29.08 10.00 -8.98
CA ALA A 271 29.90 10.61 -10.01
C ALA A 271 29.28 11.98 -10.27
N TYR A 272 27.96 12.10 -10.14
CA TYR A 272 27.28 13.37 -10.34
C TYR A 272 25.78 13.38 -10.05
N CYS A 273 25.20 14.57 -10.05
CA CYS A 273 23.76 14.76 -9.88
C CYS A 273 23.38 15.64 -11.06
N HIS A 274 22.42 15.15 -11.85
CA HIS A 274 21.95 15.81 -13.07
C HIS A 274 20.58 16.39 -12.75
N VAL A 275 20.44 17.71 -12.76
CA VAL A 275 19.15 18.31 -12.41
C VAL A 275 18.57 19.10 -13.55
N VAL A 276 17.26 18.95 -13.77
CA VAL A 276 16.61 19.67 -14.85
C VAL A 276 16.10 21.03 -14.39
N GLU A 277 16.49 22.08 -15.13
CA GLU A 277 16.05 23.46 -14.79
C GLU A 277 14.53 23.60 -14.75
N PRO A 278 14.02 24.55 -13.95
CA PRO A 278 12.59 24.77 -13.85
C PRO A 278 12.13 25.50 -15.11
N ARG A 279 10.93 25.19 -15.60
CA ARG A 279 10.42 25.83 -16.81
C ARG A 279 9.75 27.17 -16.48
N THR A 290 8.83 31.56 -7.60
CA THR A 290 10.28 31.65 -7.78
C THR A 290 10.93 30.28 -7.63
N GLU A 291 11.38 29.70 -8.72
CA GLU A 291 12.04 28.40 -8.66
C GLU A 291 13.46 28.55 -9.18
N SER A 292 14.39 27.89 -8.52
CA SER A 292 15.79 28.02 -8.90
C SER A 292 16.57 26.77 -8.49
N LEU A 293 17.69 26.52 -9.18
CA LEU A 293 18.53 25.39 -8.85
C LEU A 293 19.72 25.85 -8.02
N VAL A 294 19.85 27.16 -7.83
CA VAL A 294 20.97 27.69 -7.08
C VAL A 294 21.09 27.06 -5.69
N PRO A 295 19.98 26.95 -4.95
CA PRO A 295 20.10 26.34 -3.62
C PRO A 295 20.53 24.87 -3.67
N MET A 296 20.13 24.16 -4.72
CA MET A 296 20.49 22.76 -4.85
C MET A 296 21.97 22.59 -5.14
N ARG A 297 22.49 23.44 -6.03
CA ARG A 297 23.90 23.40 -6.39
C ARG A 297 24.73 23.71 -5.14
N LYS A 298 24.25 24.66 -4.33
CA LYS A 298 24.95 25.05 -3.13
C LYS A 298 24.95 23.92 -2.11
N ALA A 299 23.87 23.17 -2.05
CA ALA A 299 23.75 22.08 -1.10
C ALA A 299 24.49 20.80 -1.51
N TYR A 300 24.66 20.59 -2.81
CA TYR A 300 25.31 19.38 -3.31
C TYR A 300 26.84 19.54 -3.34
N LYS A 301 27.56 18.62 -2.70
CA LYS A 301 29.01 18.69 -2.65
C LYS A 301 29.74 18.11 -3.85
N GLY A 302 29.02 17.40 -4.72
CA GLY A 302 29.68 16.81 -5.86
C GLY A 302 29.51 17.54 -7.18
N THR A 303 29.67 16.81 -8.28
CA THR A 303 29.54 17.37 -9.61
C THR A 303 28.08 17.59 -9.95
N PHE A 304 27.78 18.80 -10.41
CA PHE A 304 26.41 19.23 -10.70
C PHE A 304 26.23 19.45 -12.18
N ILE A 305 25.31 18.71 -12.78
CA ILE A 305 25.05 18.89 -14.20
C ILE A 305 23.67 19.52 -14.29
N VAL A 306 23.54 20.61 -15.05
CA VAL A 306 22.24 21.24 -15.25
C VAL A 306 21.83 21.02 -16.70
N ALA A 307 20.54 21.11 -16.97
CA ALA A 307 20.04 20.92 -18.31
C ALA A 307 18.68 21.58 -18.45
N GLY A 308 18.30 21.92 -19.67
CA GLY A 308 17.00 22.52 -19.88
C GLY A 308 17.03 23.91 -20.47
N GLY A 309 16.99 24.01 -21.80
CA GLY A 309 16.99 25.30 -22.46
C GLY A 309 18.29 26.07 -22.60
N TYR A 310 19.42 25.42 -22.39
CA TYR A 310 20.70 26.11 -22.50
C TYR A 310 21.23 26.28 -23.90
N ASP A 311 21.95 27.36 -24.11
CA ASP A 311 22.55 27.59 -25.40
C ASP A 311 24.02 27.84 -25.06
N ARG A 312 24.79 28.35 -26.02
CA ARG A 312 26.20 28.64 -25.79
C ARG A 312 26.37 29.69 -24.70
N GLU A 313 25.67 30.81 -24.88
CA GLU A 313 25.74 31.92 -23.94
C GLU A 313 25.31 31.56 -22.51
N ASP A 314 24.17 30.88 -22.37
CA ASP A 314 23.69 30.49 -21.06
C ASP A 314 24.61 29.45 -20.43
N GLY A 315 25.12 28.55 -21.24
CA GLY A 315 26.01 27.53 -20.70
C GLY A 315 27.24 28.15 -20.05
N ASN A 316 27.90 29.05 -20.76
CA ASN A 316 29.09 29.71 -20.23
C ASN A 316 28.74 30.52 -18.99
N ARG A 317 27.61 31.23 -19.05
CA ARG A 317 27.18 32.06 -17.93
C ARG A 317 26.84 31.22 -16.70
N ALA A 318 26.40 29.97 -16.90
CA ALA A 318 26.09 29.10 -15.76
C ALA A 318 27.41 28.71 -15.07
N LEU A 319 28.46 28.44 -15.85
CA LEU A 319 29.75 28.09 -15.27
C LEU A 319 30.39 29.33 -14.63
N ILE A 320 30.33 30.48 -15.31
CA ILE A 320 30.89 31.73 -14.77
C ILE A 320 30.24 32.08 -13.42
N GLU A 321 28.92 31.91 -13.35
CA GLU A 321 28.18 32.19 -12.14
C GLU A 321 28.27 31.03 -11.15
N ASP A 322 29.01 30.00 -11.56
CA ASP A 322 29.22 28.82 -10.73
C ASP A 322 27.96 28.07 -10.34
N ARG A 323 26.99 28.07 -11.25
CA ARG A 323 25.72 27.40 -11.02
C ARG A 323 25.79 25.90 -11.34
N ALA A 324 26.85 25.48 -12.01
CA ALA A 324 26.98 24.07 -12.36
C ALA A 324 28.44 23.75 -12.71
N ASP A 325 28.73 22.48 -12.90
CA ASP A 325 30.08 22.08 -13.31
C ASP A 325 30.03 21.58 -14.73
N LEU A 326 28.89 21.00 -15.08
CA LEU A 326 28.69 20.46 -16.43
C LEU A 326 27.34 20.95 -16.93
N VAL A 327 27.23 21.09 -18.24
CA VAL A 327 25.96 21.54 -18.82
C VAL A 327 25.58 20.56 -19.91
N ALA A 328 24.42 19.94 -19.75
CA ALA A 328 23.96 18.96 -20.72
C ALA A 328 23.02 19.58 -21.75
N TYR A 329 23.19 19.15 -23.01
CA TYR A 329 22.41 19.62 -24.12
C TYR A 329 21.64 18.46 -24.77
N GLY A 330 20.37 18.70 -25.07
CA GLY A 330 19.55 17.68 -25.68
C GLY A 330 19.29 18.02 -27.14
N ARG A 331 18.31 18.88 -27.37
CA ARG A 331 17.93 19.28 -28.72
C ARG A 331 19.03 19.77 -29.64
N LEU A 332 19.98 20.56 -29.14
CA LEU A 332 21.07 21.02 -29.97
C LEU A 332 22.00 19.88 -30.32
N PHE A 333 22.13 18.89 -29.43
CA PHE A 333 23.01 17.77 -29.72
C PHE A 333 22.34 16.86 -30.75
N ILE A 334 21.01 16.85 -30.77
CA ILE A 334 20.32 16.03 -31.76
C ILE A 334 20.71 16.52 -33.14
N SER A 335 20.64 17.84 -33.35
CA SER A 335 20.97 18.39 -34.67
C SER A 335 22.44 18.77 -34.94
N ASN A 336 23.28 18.73 -33.91
CA ASN A 336 24.70 19.05 -34.09
C ASN A 336 25.58 17.96 -33.50
N PRO A 337 26.01 16.99 -34.32
CA PRO A 337 26.87 15.90 -33.84
C PRO A 337 28.10 16.45 -33.17
N ASP A 338 28.64 17.52 -33.76
CA ASP A 338 29.85 18.17 -33.25
C ASP A 338 29.57 19.44 -32.43
N LEU A 339 28.51 19.43 -31.63
CA LEU A 339 28.16 20.60 -30.80
C LEU A 339 29.34 21.14 -30.00
N PRO A 340 30.06 20.27 -29.27
CA PRO A 340 31.19 20.79 -28.50
C PRO A 340 32.12 21.62 -29.39
N LYS A 341 32.44 21.07 -30.56
CA LYS A 341 33.30 21.77 -31.49
C LYS A 341 32.68 23.10 -31.96
N ARG A 342 31.39 23.07 -32.32
CA ARG A 342 30.76 24.30 -32.79
C ARG A 342 30.80 25.36 -31.70
N PHE A 343 30.51 24.97 -30.46
CA PHE A 343 30.55 25.92 -29.36
C PHE A 343 31.95 26.49 -29.24
N GLU A 344 32.96 25.63 -29.34
CA GLU A 344 34.34 26.07 -29.23
C GLU A 344 34.73 27.13 -30.25
N LEU A 345 34.34 26.93 -31.50
CA LEU A 345 34.66 27.89 -32.57
C LEU A 345 33.62 29.00 -32.63
N ASN A 346 32.62 28.91 -31.76
CA ASN A 346 31.52 29.87 -31.73
C ASN A 346 30.88 29.87 -33.12
N ALA A 347 30.73 28.65 -33.65
CA ALA A 347 30.17 28.43 -34.97
C ALA A 347 28.65 28.37 -34.99
N PRO A 348 28.05 28.56 -36.18
CA PRO A 348 26.58 28.51 -36.32
C PRO A 348 26.12 27.09 -35.97
N LEU A 349 24.84 26.94 -35.63
CA LEU A 349 24.27 25.64 -35.25
C LEU A 349 23.11 25.17 -36.13
N ASN A 350 23.10 23.88 -36.46
CA ASN A 350 22.00 23.33 -37.27
C ASN A 350 20.73 23.43 -36.44
N LYS A 351 19.60 23.69 -37.09
CA LYS A 351 18.34 23.74 -36.36
C LYS A 351 17.95 22.28 -36.19
N TYR A 352 17.11 21.98 -35.21
CA TYR A 352 16.68 20.60 -35.03
C TYR A 352 15.23 20.46 -35.49
N ASN A 353 14.91 19.30 -36.03
CA ASN A 353 13.58 19.00 -36.53
C ASN A 353 12.86 18.06 -35.56
N ARG A 354 11.96 18.63 -34.75
CA ARG A 354 11.22 17.84 -33.76
C ARG A 354 10.37 16.75 -34.40
N ASP A 355 10.02 16.94 -35.67
CA ASP A 355 9.20 15.99 -36.40
C ASP A 355 9.87 14.63 -36.59
N THR A 356 11.18 14.56 -36.35
CA THR A 356 11.86 13.28 -36.49
C THR A 356 12.61 12.90 -35.22
N PHE A 357 12.23 13.52 -34.11
CA PHE A 357 12.85 13.20 -32.84
C PHE A 357 12.54 11.73 -32.53
N TYR A 358 11.27 11.38 -32.70
CA TYR A 358 10.78 10.06 -32.38
C TYR A 358 10.33 9.15 -33.53
N THR A 359 10.76 9.44 -34.75
CA THR A 359 10.38 8.60 -35.87
C THR A 359 11.33 7.41 -35.87
N SER A 360 11.09 6.40 -36.70
CA SER A 360 11.94 5.21 -36.63
C SER A 360 12.96 4.93 -37.73
N ASP A 361 13.25 5.90 -38.57
CA ASP A 361 14.21 5.66 -39.64
C ASP A 361 15.62 5.54 -39.06
N PRO A 362 16.42 4.60 -39.59
CA PRO A 362 17.79 4.35 -39.15
C PRO A 362 18.74 5.49 -39.42
N ILE A 363 18.33 6.37 -40.33
CA ILE A 363 19.14 7.51 -40.73
C ILE A 363 18.48 8.89 -40.72
N VAL A 364 17.29 9.00 -41.32
CA VAL A 364 16.65 10.31 -41.38
C VAL A 364 16.31 10.93 -40.04
N GLY A 365 16.87 12.13 -39.81
CA GLY A 365 16.62 12.86 -38.57
C GLY A 365 17.36 12.23 -37.40
N TYR A 366 18.26 11.30 -37.70
CA TYR A 366 19.02 10.59 -36.68
C TYR A 366 20.53 10.67 -36.88
N THR A 367 21.03 10.21 -38.02
CA THR A 367 22.46 10.30 -38.28
C THR A 367 22.74 11.22 -39.46
N ASP A 368 21.72 11.88 -39.99
CA ASP A 368 21.94 12.74 -41.14
C ASP A 368 22.07 14.23 -40.88
N TYR A 369 22.34 14.60 -39.64
CA TYR A 369 22.55 16.00 -39.31
C TYR A 369 24.04 16.18 -39.59
N PRO A 370 24.42 17.20 -40.38
CA PRO A 370 25.79 17.54 -40.77
C PRO A 370 26.79 18.07 -39.75
N PHE A 371 28.06 17.69 -39.96
CA PHE A 371 29.16 18.17 -39.13
C PHE A 371 29.58 19.52 -39.74
N LEU A 372 30.36 20.30 -39.00
CA LEU A 372 30.85 21.59 -39.49
C LEU A 372 31.48 21.42 -40.85
N GLU A 373 30.89 22.11 -41.82
CA GLU A 373 31.28 22.07 -43.22
C GLU A 373 32.70 22.57 -43.53
N VAL B 11 -31.85 -25.23 45.40
CA VAL B 11 -30.46 -24.96 44.90
C VAL B 11 -29.98 -23.56 45.31
N ASP B 12 -28.77 -23.50 45.85
CA ASP B 12 -28.21 -22.24 46.31
C ASP B 12 -27.86 -21.31 45.16
N LYS B 13 -27.97 -20.01 45.41
CA LYS B 13 -27.65 -19.03 44.38
C LYS B 13 -26.16 -19.02 44.10
N ILE B 14 -25.83 -18.73 42.84
CA ILE B 14 -24.45 -18.66 42.43
C ILE B 14 -24.27 -17.33 41.72
N PRO B 15 -23.03 -16.82 41.70
CA PRO B 15 -22.68 -15.54 41.06
C PRO B 15 -23.20 -15.41 39.61
N LEU B 16 -23.04 -16.47 38.80
CA LEU B 16 -23.49 -16.42 37.40
C LEU B 16 -24.98 -16.12 37.25
N MET B 17 -25.75 -16.35 38.31
CA MET B 17 -27.19 -16.07 38.25
C MET B 17 -27.56 -14.70 38.81
N SER B 18 -26.56 -13.93 39.26
CA SER B 18 -26.80 -12.59 39.84
C SER B 18 -27.25 -11.53 38.83
N PRO B 19 -28.24 -10.70 39.21
CA PRO B 19 -28.79 -9.63 38.36
C PRO B 19 -27.69 -8.63 38.07
N CYS B 20 -27.84 -7.91 36.96
CA CYS B 20 -26.82 -6.95 36.57
C CYS B 20 -27.41 -5.76 35.83
N LYS B 21 -26.83 -4.59 36.06
CA LYS B 21 -27.30 -3.39 35.39
C LYS B 21 -26.21 -3.03 34.39
N MET B 22 -26.55 -3.09 33.10
CA MET B 22 -25.59 -2.77 32.04
C MET B 22 -26.18 -1.75 31.10
N GLY B 23 -25.47 -0.65 30.89
CA GLY B 23 -25.97 0.40 30.02
C GLY B 23 -27.32 0.82 30.55
N LYS B 24 -28.31 0.82 29.68
CA LYS B 24 -29.69 1.18 30.03
C LYS B 24 -30.50 -0.09 30.29
N PHE B 25 -29.82 -1.22 30.38
CA PHE B 25 -30.50 -2.50 30.56
C PHE B 25 -30.36 -3.16 31.92
N GLU B 26 -31.41 -3.88 32.30
CA GLU B 26 -31.44 -4.61 33.56
C GLU B 26 -31.35 -6.10 33.24
N LEU B 27 -30.17 -6.69 33.43
CA LEU B 27 -30.03 -8.12 33.14
C LEU B 27 -30.37 -8.95 34.36
N CYS B 28 -30.95 -10.13 34.15
CA CYS B 28 -31.32 -10.99 35.27
C CYS B 28 -30.22 -11.96 35.68
N HIS B 29 -29.25 -12.18 34.80
CA HIS B 29 -28.16 -13.07 35.13
C HIS B 29 -26.97 -12.68 34.29
N ARG B 30 -25.83 -13.31 34.54
CA ARG B 30 -24.63 -12.95 33.84
C ARG B 30 -24.08 -13.89 32.81
N VAL B 31 -24.83 -14.92 32.46
CA VAL B 31 -24.36 -15.85 31.45
C VAL B 31 -24.76 -15.23 30.10
N VAL B 32 -23.76 -14.88 29.32
CA VAL B 32 -23.99 -14.27 28.02
C VAL B 32 -23.73 -15.25 26.88
N LEU B 33 -24.56 -15.16 25.85
CA LEU B 33 -24.34 -16.00 24.68
C LEU B 33 -23.29 -15.26 23.83
N ALA B 34 -22.12 -15.87 23.68
CA ALA B 34 -21.06 -15.26 22.87
C ALA B 34 -21.47 -15.27 21.40
N PRO B 35 -20.97 -14.30 20.61
CA PRO B 35 -21.27 -14.20 19.17
C PRO B 35 -20.71 -15.48 18.53
N LEU B 36 -21.55 -16.23 17.82
CA LEU B 36 -21.08 -17.48 17.21
C LEU B 36 -21.47 -17.64 15.75
N THR B 37 -20.46 -17.59 14.88
CA THR B 37 -20.65 -17.77 13.44
C THR B 37 -20.99 -19.24 13.18
N ARG B 38 -22.17 -19.48 12.61
CA ARG B 38 -22.58 -20.86 12.34
C ARG B 38 -22.68 -21.18 10.85
N GLN B 39 -22.45 -20.17 10.02
CA GLN B 39 -22.48 -20.33 8.57
C GLN B 39 -23.73 -21.05 8.07
N ARG B 40 -24.88 -20.64 8.57
CA ARG B 40 -26.13 -21.24 8.12
C ARG B 40 -27.09 -20.15 7.63
N SER B 41 -26.54 -18.99 7.30
CA SER B 41 -27.36 -17.88 6.80
C SER B 41 -27.13 -17.80 5.30
N TYR B 42 -27.72 -18.76 4.59
CA TYR B 42 -27.60 -18.87 3.14
C TYR B 42 -27.87 -17.57 2.40
N GLY B 43 -27.00 -17.24 1.46
CA GLY B 43 -27.13 -16.03 0.67
C GLY B 43 -26.84 -14.75 1.44
N TYR B 44 -26.21 -14.90 2.61
CA TYR B 44 -25.88 -13.77 3.49
C TYR B 44 -27.13 -13.19 4.11
N ILE B 45 -28.19 -14.00 4.08
CA ILE B 45 -29.46 -13.58 4.64
C ILE B 45 -29.85 -14.45 5.83
N PRO B 46 -30.22 -13.82 6.96
CA PRO B 46 -30.61 -14.59 8.16
C PRO B 46 -31.74 -15.54 7.74
N GLN B 47 -31.79 -16.72 8.35
CA GLN B 47 -32.81 -17.70 7.99
C GLN B 47 -33.81 -18.03 9.10
N PRO B 48 -34.88 -18.77 8.74
CA PRO B 48 -35.90 -19.16 9.71
C PRO B 48 -35.35 -20.02 10.84
N HIS B 49 -34.39 -20.91 10.56
CA HIS B 49 -33.84 -21.75 11.62
C HIS B 49 -33.15 -20.95 12.72
N ALA B 50 -32.62 -19.78 12.39
CA ALA B 50 -31.98 -18.95 13.38
C ALA B 50 -33.02 -18.52 14.41
N ILE B 51 -34.27 -18.38 13.98
CA ILE B 51 -35.34 -18.00 14.91
C ILE B 51 -35.44 -19.03 16.02
N LEU B 52 -35.39 -20.30 15.65
CA LEU B 52 -35.49 -21.38 16.62
C LEU B 52 -34.23 -21.45 17.46
N HIS B 53 -33.09 -21.29 16.81
CA HIS B 53 -31.82 -21.36 17.51
C HIS B 53 -31.69 -20.31 18.61
N TYR B 54 -31.92 -19.05 18.25
CA TYR B 54 -31.81 -17.96 19.21
C TYR B 54 -32.91 -18.01 20.22
N SER B 55 -34.09 -18.45 19.80
CA SER B 55 -35.20 -18.58 20.73
C SER B 55 -34.84 -19.65 21.75
N GLN B 56 -34.30 -20.76 21.26
CA GLN B 56 -33.94 -21.83 22.18
C GLN B 56 -33.00 -21.33 23.26
N ARG B 57 -32.20 -20.31 22.95
CA ARG B 57 -31.25 -19.79 23.91
C ARG B 57 -31.59 -18.47 24.62
N SER B 58 -32.83 -18.00 24.44
CA SER B 58 -33.25 -16.76 25.09
C SER B 58 -33.72 -17.05 26.50
N THR B 59 -33.52 -16.10 27.41
CA THR B 59 -33.98 -16.21 28.79
C THR B 59 -34.33 -14.79 29.17
N ASN B 60 -35.26 -14.64 30.11
CA ASN B 60 -35.67 -13.30 30.52
C ASN B 60 -34.51 -12.54 31.15
N GLY B 61 -34.23 -11.36 30.60
CA GLY B 61 -33.14 -10.54 31.11
C GLY B 61 -31.77 -11.13 30.84
N GLY B 62 -31.68 -12.02 29.86
CA GLY B 62 -30.41 -12.62 29.52
C GLY B 62 -29.85 -11.94 28.28
N LEU B 63 -28.54 -11.72 28.26
CA LEU B 63 -27.93 -11.04 27.13
C LEU B 63 -27.45 -11.97 26.04
N LEU B 64 -27.89 -11.69 24.82
CA LEU B 64 -27.47 -12.49 23.68
C LEU B 64 -26.72 -11.59 22.70
N ILE B 65 -25.57 -12.07 22.26
CA ILE B 65 -24.78 -11.36 21.28
C ILE B 65 -24.89 -12.27 20.05
N GLY B 66 -25.45 -11.73 18.97
CA GLY B 66 -25.62 -12.52 17.77
C GLY B 66 -24.33 -12.78 17.04
N GLU B 67 -24.36 -13.75 16.12
CA GLU B 67 -23.19 -14.12 15.33
C GLU B 67 -22.68 -12.88 14.56
N ALA B 68 -21.41 -12.87 14.22
CA ALA B 68 -20.82 -11.77 13.47
C ALA B 68 -21.63 -11.49 12.23
N THR B 69 -22.10 -10.24 12.11
CA THR B 69 -22.95 -9.80 11.02
C THR B 69 -22.21 -8.79 10.14
N VAL B 70 -22.03 -9.16 8.88
CA VAL B 70 -21.30 -8.34 7.91
C VAL B 70 -21.92 -6.97 7.64
N ILE B 71 -21.09 -5.93 7.68
CA ILE B 71 -21.59 -4.58 7.51
C ILE B 71 -21.68 -4.08 6.08
N SER B 72 -21.00 -4.75 5.14
CA SER B 72 -21.04 -4.32 3.75
C SER B 72 -20.54 -5.44 2.86
N GLU B 73 -20.75 -5.32 1.56
CA GLU B 73 -20.30 -6.36 0.64
C GLU B 73 -18.81 -6.64 0.75
N THR B 74 -18.02 -5.65 1.14
CA THR B 74 -16.58 -5.90 1.22
C THR B 74 -16.13 -6.63 2.48
N GLY B 75 -17.01 -6.74 3.47
CA GLY B 75 -16.63 -7.41 4.71
C GLY B 75 -16.92 -8.90 4.77
N ILE B 76 -17.21 -9.49 3.62
CA ILE B 76 -17.52 -10.92 3.52
C ILE B 76 -16.27 -11.74 3.29
N GLY B 77 -16.08 -12.78 4.09
CA GLY B 77 -14.91 -13.63 3.92
C GLY B 77 -15.25 -15.10 4.14
N TYR B 78 -16.52 -15.37 4.39
CA TYR B 78 -16.97 -16.73 4.65
C TYR B 78 -18.30 -16.95 3.99
N LYS B 79 -18.61 -18.22 3.73
CA LYS B 79 -19.89 -18.57 3.11
C LYS B 79 -21.00 -18.54 4.13
N ASP B 80 -22.20 -18.21 3.66
CA ASP B 80 -23.39 -18.26 4.47
C ASP B 80 -23.38 -17.58 5.85
N VAL B 81 -22.75 -16.40 5.93
CA VAL B 81 -22.74 -15.64 7.18
C VAL B 81 -23.73 -14.49 6.97
N PRO B 82 -24.47 -14.12 8.01
CA PRO B 82 -25.45 -13.05 7.87
C PRO B 82 -24.91 -11.63 7.63
N GLY B 83 -25.65 -10.82 6.90
CA GLY B 83 -25.25 -9.45 6.66
C GLY B 83 -26.33 -8.51 7.17
N ILE B 84 -26.06 -7.21 7.21
CA ILE B 84 -27.09 -6.28 7.67
C ILE B 84 -27.01 -4.92 6.97
N TRP B 85 -26.62 -4.94 5.69
CA TRP B 85 -26.51 -3.72 4.92
C TRP B 85 -27.67 -3.55 3.92
N THR B 86 -28.46 -4.59 3.71
CA THR B 86 -29.59 -4.49 2.79
C THR B 86 -30.92 -4.58 3.53
N LYS B 87 -31.94 -4.00 2.92
CA LYS B 87 -33.29 -4.01 3.48
C LYS B 87 -33.75 -5.45 3.64
N GLU B 88 -33.33 -6.31 2.72
CA GLU B 88 -33.71 -7.71 2.78
C GLU B 88 -33.18 -8.39 4.06
N GLN B 89 -31.93 -8.10 4.41
CA GLN B 89 -31.32 -8.67 5.60
C GLN B 89 -32.00 -8.10 6.84
N VAL B 90 -32.28 -6.80 6.83
CA VAL B 90 -32.92 -6.16 7.97
C VAL B 90 -34.26 -6.82 8.27
N GLU B 91 -35.08 -7.04 7.24
CA GLU B 91 -36.38 -7.66 7.43
C GLU B 91 -36.22 -9.10 7.89
N ALA B 92 -35.18 -9.76 7.41
CA ALA B 92 -34.94 -11.15 7.78
C ALA B 92 -34.54 -11.25 9.26
N TRP B 93 -33.87 -10.22 9.79
CA TRP B 93 -33.46 -10.24 11.20
C TRP B 93 -34.61 -10.02 12.17
N LYS B 94 -35.62 -9.29 11.75
CA LYS B 94 -36.74 -8.98 12.63
C LYS B 94 -37.42 -10.13 13.36
N PRO B 95 -37.75 -11.23 12.66
CA PRO B 95 -38.40 -12.35 13.32
C PRO B 95 -37.49 -13.03 14.34
N ILE B 96 -36.18 -13.00 14.07
CA ILE B 96 -35.22 -13.60 14.98
C ILE B 96 -35.15 -12.72 16.22
N VAL B 97 -35.00 -11.41 16.02
CA VAL B 97 -34.94 -10.46 17.12
C VAL B 97 -36.18 -10.59 18.00
N ASP B 98 -37.34 -10.64 17.35
CA ASP B 98 -38.61 -10.75 18.07
C ASP B 98 -38.76 -12.01 18.90
N ALA B 99 -38.23 -13.12 18.40
CA ALA B 99 -38.32 -14.38 19.11
C ALA B 99 -37.52 -14.27 20.40
N VAL B 100 -36.38 -13.59 20.33
CA VAL B 100 -35.54 -13.39 21.51
C VAL B 100 -36.30 -12.50 22.49
N HIS B 101 -36.88 -11.41 21.96
CA HIS B 101 -37.63 -10.47 22.79
C HIS B 101 -38.85 -11.13 23.41
N ALA B 102 -39.46 -12.06 22.69
CA ALA B 102 -40.64 -12.75 23.19
C ALA B 102 -40.35 -13.50 24.47
N LYS B 103 -39.08 -13.80 24.71
CA LYS B 103 -38.70 -14.50 25.93
C LYS B 103 -37.99 -13.56 26.91
N GLY B 104 -37.94 -12.28 26.55
CA GLY B 104 -37.32 -11.28 27.41
C GLY B 104 -35.81 -11.11 27.34
N GLY B 105 -35.20 -11.59 26.26
CA GLY B 105 -33.77 -11.44 26.15
C GLY B 105 -33.40 -10.08 25.59
N ILE B 106 -32.16 -9.66 25.83
CA ILE B 106 -31.61 -8.40 25.32
C ILE B 106 -30.69 -8.90 24.22
N PHE B 107 -30.84 -8.35 23.04
CA PHE B 107 -30.11 -8.83 21.88
C PHE B 107 -29.24 -7.75 21.25
N PHE B 108 -27.93 -8.02 21.17
CA PHE B 108 -27.02 -7.09 20.52
C PHE B 108 -26.52 -7.69 19.22
N CYS B 109 -26.51 -6.89 18.16
CA CYS B 109 -26.01 -7.37 16.87
C CYS B 109 -24.53 -7.09 16.79
N GLN B 110 -23.72 -8.10 16.51
CA GLN B 110 -22.30 -7.85 16.38
C GLN B 110 -22.02 -7.38 14.95
N ILE B 111 -21.53 -6.15 14.77
CA ILE B 111 -21.27 -5.65 13.42
C ILE B 111 -19.82 -5.92 13.09
N TRP B 112 -19.62 -6.45 11.89
CA TRP B 112 -18.32 -6.97 11.48
C TRP B 112 -17.84 -6.70 10.06
N HIS B 113 -16.52 -6.65 9.90
CA HIS B 113 -15.88 -6.49 8.60
C HIS B 113 -14.57 -7.29 8.66
N VAL B 114 -14.41 -8.26 7.76
CA VAL B 114 -13.22 -9.12 7.77
C VAL B 114 -11.91 -8.51 7.33
N GLY B 115 -11.97 -7.40 6.61
CA GLY B 115 -10.74 -6.83 6.12
C GLY B 115 -10.02 -7.85 5.25
N ARG B 116 -8.74 -8.02 5.47
CA ARG B 116 -7.96 -8.97 4.68
C ARG B 116 -8.33 -10.46 4.82
N VAL B 117 -9.12 -10.83 5.81
CA VAL B 117 -9.43 -12.26 5.93
C VAL B 117 -10.54 -12.57 4.94
N SER B 118 -10.15 -12.62 3.68
CA SER B 118 -11.10 -12.86 2.61
C SER B 118 -10.37 -13.31 1.36
N ASN B 119 -11.14 -13.43 0.28
CA ASN B 119 -10.64 -13.85 -1.01
C ASN B 119 -11.42 -13.02 -2.03
N LYS B 120 -10.80 -12.72 -3.16
CA LYS B 120 -11.48 -11.93 -4.19
C LYS B 120 -12.79 -12.60 -4.66
N ASP B 121 -12.87 -13.92 -4.53
CA ASP B 121 -14.08 -14.64 -4.95
C ASP B 121 -15.27 -14.28 -4.08
N PHE B 122 -15.00 -13.68 -2.92
CA PHE B 122 -16.04 -13.29 -1.98
C PHE B 122 -16.37 -11.81 -2.19
N GLN B 123 -15.44 -11.10 -2.79
CA GLN B 123 -15.54 -9.67 -3.01
C GLN B 123 -16.35 -9.23 -4.22
N PRO B 124 -16.96 -8.04 -4.14
CA PRO B 124 -17.78 -7.49 -5.24
C PRO B 124 -16.88 -7.27 -6.47
N ASN B 125 -17.27 -7.86 -7.59
CA ASN B 125 -16.52 -7.72 -8.85
C ASN B 125 -15.10 -8.27 -8.77
N GLY B 126 -14.88 -9.26 -7.90
CA GLY B 126 -13.55 -9.85 -7.77
C GLY B 126 -12.50 -8.88 -7.23
N GLU B 127 -12.94 -7.82 -6.58
CA GLU B 127 -12.00 -6.84 -6.03
C GLU B 127 -11.15 -7.43 -4.91
N ASP B 128 -10.07 -6.74 -4.61
CA ASP B 128 -9.19 -7.19 -3.55
C ASP B 128 -9.77 -6.79 -2.20
N PRO B 129 -9.61 -7.64 -1.18
CA PRO B 129 -10.12 -7.33 0.15
C PRO B 129 -9.43 -6.03 0.60
N ILE B 130 -10.01 -5.29 1.53
CA ILE B 130 -9.38 -4.04 1.98
C ILE B 130 -8.78 -4.23 3.37
N SER B 131 -7.71 -3.49 3.66
CA SER B 131 -7.07 -3.60 4.96
C SER B 131 -6.19 -2.39 5.23
N CYS B 132 -5.53 -2.42 6.37
CA CYS B 132 -4.63 -1.35 6.78
C CYS B 132 -3.28 -1.58 6.10
N THR B 133 -3.07 -2.84 5.67
CA THR B 133 -1.83 -3.30 5.03
C THR B 133 -2.11 -3.98 3.69
N ASP B 134 -1.06 -4.23 2.89
CA ASP B 134 -1.23 -4.92 1.62
C ASP B 134 -0.69 -6.34 1.70
N ARG B 135 -0.38 -6.78 2.93
CA ARG B 135 0.13 -8.13 3.16
C ARG B 135 -1.02 -9.09 3.40
N GLY B 136 -0.99 -10.23 2.71
CA GLY B 136 -2.05 -11.21 2.87
C GLY B 136 -1.73 -12.37 3.80
N LEU B 137 -2.74 -13.20 4.03
CA LEU B 137 -2.61 -14.36 4.90
C LEU B 137 -2.10 -15.58 4.16
N THR B 138 -1.40 -16.45 4.86
CA THR B 138 -0.92 -17.69 4.26
C THR B 138 -2.11 -18.66 4.29
N PRO B 139 -2.09 -19.72 3.46
CA PRO B 139 -3.23 -20.64 3.49
C PRO B 139 -3.47 -21.29 4.85
N GLN B 140 -4.73 -21.62 5.10
CA GLN B 140 -5.13 -22.22 6.35
C GLN B 140 -5.96 -23.46 6.08
N ILE B 141 -5.77 -24.48 6.91
CA ILE B 141 -6.57 -25.69 6.76
C ILE B 141 -7.89 -25.37 7.40
N MET B 142 -8.97 -25.82 6.76
CA MET B 142 -10.31 -25.59 7.28
C MET B 142 -10.66 -26.60 8.35
N SER B 143 -11.70 -26.30 9.13
CA SER B 143 -12.12 -27.16 10.23
C SER B 143 -12.31 -28.64 9.92
N ASN B 144 -12.64 -28.99 8.68
CA ASN B 144 -12.85 -30.39 8.36
C ASN B 144 -11.54 -31.17 8.11
N GLY B 145 -10.42 -30.46 8.12
CA GLY B 145 -9.12 -31.11 7.94
C GLY B 145 -8.82 -31.71 6.58
N ILE B 146 -9.61 -31.37 5.58
CA ILE B 146 -9.44 -31.89 4.23
C ILE B 146 -9.22 -30.77 3.22
N ASP B 147 -9.88 -29.64 3.46
CA ASP B 147 -9.78 -28.51 2.57
C ASP B 147 -8.91 -27.38 3.07
N ILE B 148 -8.25 -26.71 2.13
CA ILE B 148 -7.38 -25.61 2.44
C ILE B 148 -8.04 -24.32 1.98
N ALA B 149 -8.04 -23.32 2.86
CA ALA B 149 -8.62 -22.02 2.53
C ALA B 149 -7.51 -21.09 2.02
N HIS B 150 -7.78 -20.38 0.94
CA HIS B 150 -6.81 -19.45 0.41
C HIS B 150 -7.35 -18.03 0.54
N PHE B 151 -6.45 -17.06 0.66
CA PHE B 151 -6.84 -15.67 0.80
C PHE B 151 -6.15 -14.80 -0.22
N THR B 152 -6.76 -13.68 -0.57
CA THR B 152 -6.19 -12.77 -1.52
C THR B 152 -5.47 -11.66 -0.75
N ARG B 153 -4.33 -11.22 -1.26
CA ARG B 153 -3.62 -10.14 -0.61
C ARG B 153 -4.55 -8.92 -0.63
N PRO B 154 -4.63 -8.18 0.48
CA PRO B 154 -5.50 -7.01 0.55
C PRO B 154 -4.94 -5.74 -0.08
N ARG B 155 -5.83 -4.77 -0.21
CA ARG B 155 -5.50 -3.46 -0.76
C ARG B 155 -5.27 -2.59 0.49
N ARG B 156 -4.26 -1.73 0.48
CA ARG B 156 -4.02 -0.87 1.63
C ARG B 156 -4.87 0.40 1.47
N LEU B 157 -5.85 0.55 2.36
CA LEU B 157 -6.74 1.70 2.32
C LEU B 157 -5.97 3.01 2.40
N THR B 158 -6.44 4.04 1.69
CA THR B 158 -5.78 5.35 1.73
C THR B 158 -6.31 6.10 2.94
N THR B 159 -5.56 7.11 3.41
CA THR B 159 -5.95 7.89 4.57
C THR B 159 -7.34 8.47 4.40
N ASP B 160 -7.58 9.00 3.21
CA ASP B 160 -8.82 9.66 2.85
C ASP B 160 -10.02 8.72 2.74
N GLU B 161 -9.75 7.47 2.41
CA GLU B 161 -10.76 6.44 2.23
C GLU B 161 -11.35 5.90 3.55
N ILE B 162 -10.52 5.86 4.58
CA ILE B 162 -10.92 5.33 5.88
C ILE B 162 -12.24 5.86 6.50
N PRO B 163 -12.46 7.18 6.47
CA PRO B 163 -13.72 7.66 7.06
C PRO B 163 -14.98 6.98 6.48
N GLN B 164 -14.93 6.61 5.20
CA GLN B 164 -16.06 5.96 4.57
C GLN B 164 -16.30 4.58 5.13
N ILE B 165 -15.22 3.91 5.56
CA ILE B 165 -15.36 2.59 6.14
C ILE B 165 -15.94 2.77 7.52
N VAL B 166 -15.47 3.80 8.23
CA VAL B 166 -15.99 4.08 9.55
C VAL B 166 -17.51 4.24 9.41
N ASN B 167 -17.93 4.96 8.37
CA ASN B 167 -19.35 5.19 8.13
C ASN B 167 -20.14 3.90 7.90
N GLU B 168 -19.51 2.88 7.33
CA GLU B 168 -20.19 1.60 7.10
C GLU B 168 -20.63 0.97 8.45
N PHE B 169 -19.83 1.18 9.50
CA PHE B 169 -20.20 0.63 10.80
C PHE B 169 -21.35 1.45 11.37
N ARG B 170 -21.30 2.76 11.15
CA ARG B 170 -22.33 3.66 11.63
C ARG B 170 -23.68 3.26 11.04
N VAL B 171 -23.71 3.08 9.71
CA VAL B 171 -24.93 2.69 9.00
C VAL B 171 -25.41 1.31 9.47
N ALA B 172 -24.48 0.39 9.61
CA ALA B 172 -24.83 -0.96 10.06
C ALA B 172 -25.51 -0.89 11.41
N ALA B 173 -24.95 -0.06 12.29
CA ALA B 173 -25.51 0.15 13.62
C ALA B 173 -26.95 0.63 13.52
N ARG B 174 -27.21 1.60 12.64
CA ARG B 174 -28.56 2.12 12.46
C ARG B 174 -29.50 1.01 11.97
N ASN B 175 -29.02 0.21 11.01
CA ASN B 175 -29.82 -0.88 10.47
C ASN B 175 -30.15 -1.91 11.55
N ALA B 176 -29.21 -2.14 12.47
CA ALA B 176 -29.45 -3.10 13.55
C ALA B 176 -30.60 -2.62 14.42
N ILE B 177 -30.62 -1.31 14.69
CA ILE B 177 -31.69 -0.73 15.51
C ILE B 177 -32.99 -0.84 14.72
N GLU B 178 -32.90 -0.67 13.40
CA GLU B 178 -34.09 -0.77 12.59
C GLU B 178 -34.64 -2.20 12.64
N ALA B 179 -33.73 -3.16 12.75
CA ALA B 179 -34.10 -4.58 12.82
C ALA B 179 -34.66 -4.93 14.19
N GLY B 180 -34.56 -3.98 15.12
CA GLY B 180 -35.08 -4.21 16.46
C GLY B 180 -34.04 -4.60 17.50
N PHE B 181 -32.77 -4.64 17.13
CA PHE B 181 -31.75 -5.00 18.11
C PHE B 181 -31.69 -3.95 19.21
N ASP B 182 -31.43 -4.41 20.42
CA ASP B 182 -31.36 -3.51 21.55
C ASP B 182 -30.08 -2.70 21.50
N GLY B 183 -29.08 -3.23 20.79
CA GLY B 183 -27.80 -2.56 20.67
C GLY B 183 -26.87 -3.29 19.74
N VAL B 184 -25.65 -2.79 19.59
CA VAL B 184 -24.73 -3.47 18.71
C VAL B 184 -23.37 -3.63 19.34
N GLU B 185 -22.68 -4.68 18.90
CA GLU B 185 -21.34 -4.93 19.39
C GLU B 185 -20.42 -4.77 18.20
N ILE B 186 -19.41 -3.92 18.37
CA ILE B 186 -18.41 -3.67 17.34
C ILE B 186 -17.37 -4.80 17.41
N HIS B 187 -17.18 -5.50 16.29
CA HIS B 187 -16.22 -6.59 16.24
C HIS B 187 -14.81 -6.03 16.04
N GLY B 188 -14.07 -5.93 17.12
CA GLY B 188 -12.72 -5.42 17.03
C GLY B 188 -11.69 -6.47 17.40
N ALA B 189 -12.04 -7.75 17.20
CA ALA B 189 -11.14 -8.84 17.56
C ALA B 189 -10.78 -9.81 16.45
N HIS B 190 -10.06 -10.85 16.86
CA HIS B 190 -9.65 -11.97 16.03
C HIS B 190 -9.02 -11.73 14.67
N GLY B 191 -8.26 -10.65 14.57
CA GLY B 191 -7.59 -10.38 13.32
C GLY B 191 -8.46 -9.85 12.21
N TYR B 192 -9.66 -9.39 12.51
CA TYR B 192 -10.46 -8.85 11.43
C TYR B 192 -10.09 -7.37 11.20
N LEU B 193 -10.87 -6.64 10.41
CA LEU B 193 -10.47 -5.27 10.06
C LEU B 193 -10.08 -4.31 11.20
N ILE B 194 -10.93 -4.16 12.21
CA ILE B 194 -10.57 -3.23 13.26
C ILE B 194 -9.26 -3.66 13.93
N ASP B 195 -9.17 -4.95 14.22
CA ASP B 195 -8.00 -5.53 14.85
C ASP B 195 -6.74 -5.38 13.96
N GLN B 196 -6.91 -5.51 12.64
CA GLN B 196 -5.77 -5.36 11.74
C GLN B 196 -5.15 -3.96 11.92
N PHE B 197 -5.99 -2.94 12.09
CA PHE B 197 -5.44 -1.59 12.29
C PHE B 197 -4.76 -1.48 13.65
N MET B 198 -5.36 -2.08 14.67
CA MET B 198 -4.80 -2.01 16.01
C MET B 198 -3.46 -2.73 16.22
N LYS B 199 -3.36 -3.95 15.71
CA LYS B 199 -2.17 -4.79 15.87
C LYS B 199 -0.96 -4.32 15.08
N ASP B 200 0.17 -4.14 15.76
CA ASP B 200 1.37 -3.68 15.08
C ASP B 200 2.06 -4.69 14.17
N GLN B 201 1.77 -5.98 14.30
CA GLN B 201 2.38 -6.97 13.40
C GLN B 201 1.70 -6.87 12.04
N VAL B 202 0.57 -6.16 12.00
CA VAL B 202 -0.19 -6.03 10.76
C VAL B 202 -0.12 -4.61 10.22
N ASN B 203 -0.45 -3.64 11.07
CA ASN B 203 -0.46 -2.23 10.69
C ASN B 203 0.93 -1.72 10.38
N ASP B 204 1.18 -1.38 9.13
CA ASP B 204 2.49 -0.89 8.74
C ASP B 204 2.37 0.51 8.11
N ARG B 205 1.32 1.23 8.50
CA ARG B 205 1.07 2.56 7.97
C ARG B 205 1.99 3.68 8.45
N SER B 206 2.07 4.71 7.62
CA SER B 206 2.90 5.85 7.90
C SER B 206 2.04 7.11 8.08
N ASP B 207 0.71 6.96 7.98
CA ASP B 207 -0.19 8.10 8.16
C ASP B 207 -0.67 8.14 9.61
N LYS B 208 -1.73 8.91 9.88
CA LYS B 208 -2.24 9.03 11.24
C LYS B 208 -2.94 7.78 11.79
N TYR B 209 -3.09 6.76 10.97
CA TYR B 209 -3.74 5.53 11.42
C TYR B 209 -2.73 4.42 11.68
N GLY B 210 -1.45 4.80 11.78
CA GLY B 210 -0.42 3.82 12.01
C GLY B 210 0.77 4.37 12.77
N GLY B 211 1.65 3.47 13.19
CA GLY B 211 2.82 3.85 13.94
C GLY B 211 2.55 3.72 15.44
N SER B 212 2.25 4.85 16.08
CA SER B 212 2.00 4.87 17.50
C SER B 212 0.73 4.12 17.88
N LEU B 213 0.65 3.77 19.15
CA LEU B 213 -0.49 3.08 19.70
C LEU B 213 -1.70 3.99 19.49
N GLU B 214 -1.52 5.28 19.72
CA GLU B 214 -2.62 6.24 19.54
C GLU B 214 -3.16 6.19 18.10
N ASN B 215 -2.27 6.20 17.11
CA ASN B 215 -2.72 6.14 15.72
C ASN B 215 -3.40 4.82 15.33
N ARG B 216 -2.78 3.70 15.73
CA ARG B 216 -3.33 2.38 15.40
C ARG B 216 -4.72 2.12 15.96
N CYS B 217 -5.07 2.82 17.05
CA CYS B 217 -6.39 2.65 17.65
C CYS B 217 -7.39 3.68 17.15
N ARG B 218 -6.89 4.67 16.40
CA ARG B 218 -7.74 5.75 15.88
C ARG B 218 -8.96 5.24 15.13
N PHE B 219 -8.73 4.26 14.26
CA PHE B 219 -9.79 3.68 13.46
C PHE B 219 -10.91 3.14 14.34
N ALA B 220 -10.54 2.27 15.28
CA ALA B 220 -11.52 1.69 16.19
C ALA B 220 -12.28 2.79 16.94
N LEU B 221 -11.54 3.76 17.46
CA LEU B 221 -12.17 4.83 18.23
C LEU B 221 -13.07 5.71 17.38
N GLU B 222 -12.71 5.91 16.12
CA GLU B 222 -13.55 6.71 15.25
C GLU B 222 -14.84 5.93 15.02
N ILE B 223 -14.71 4.61 14.90
CA ILE B 223 -15.89 3.78 14.73
C ILE B 223 -16.76 3.88 15.97
N VAL B 224 -16.13 3.76 17.14
CA VAL B 224 -16.88 3.84 18.39
C VAL B 224 -17.62 5.16 18.47
N GLU B 225 -16.92 6.24 18.15
CA GLU B 225 -17.49 7.57 18.18
C GLU B 225 -18.66 7.69 17.23
N ALA B 226 -18.47 7.23 16.00
CA ALA B 226 -19.53 7.29 14.99
C ALA B 226 -20.74 6.48 15.39
N VAL B 227 -20.51 5.23 15.78
CA VAL B 227 -21.61 4.35 16.18
C VAL B 227 -22.33 4.88 17.41
N ALA B 228 -21.57 5.22 18.45
CA ALA B 228 -22.17 5.74 19.66
C ALA B 228 -23.02 6.97 19.35
N ASN B 229 -22.47 7.90 18.56
CA ASN B 229 -23.20 9.11 18.20
C ASN B 229 -24.46 8.77 17.41
N GLU B 230 -24.36 7.75 16.56
CA GLU B 230 -25.49 7.35 15.73
C GLU B 230 -26.68 6.75 16.49
N ILE B 231 -26.40 5.87 17.45
CA ILE B 231 -27.52 5.24 18.14
C ILE B 231 -27.54 5.45 19.64
N GLY B 232 -26.54 6.13 20.19
CA GLY B 232 -26.50 6.34 21.62
C GLY B 232 -25.49 5.38 22.22
N SER B 233 -24.53 5.92 22.95
CA SER B 233 -23.48 5.10 23.56
C SER B 233 -24.02 4.02 24.49
N ASP B 234 -25.21 4.24 25.04
CA ASP B 234 -25.76 3.27 25.96
C ASP B 234 -26.34 2.03 25.25
N ARG B 235 -26.24 1.99 23.93
CA ARG B 235 -26.73 0.86 23.14
C ARG B 235 -25.56 0.27 22.35
N VAL B 236 -24.35 0.66 22.74
CA VAL B 236 -23.13 0.23 22.07
C VAL B 236 -22.13 -0.51 22.94
N GLY B 237 -21.54 -1.54 22.37
CA GLY B 237 -20.55 -2.31 23.07
C GLY B 237 -19.47 -2.56 22.06
N ILE B 238 -18.32 -3.05 22.51
CA ILE B 238 -17.23 -3.35 21.59
C ILE B 238 -16.45 -4.56 22.12
N ARG B 239 -15.93 -5.37 21.20
CA ARG B 239 -15.18 -6.56 21.57
C ARG B 239 -13.76 -6.54 21.01
N ILE B 240 -12.79 -6.81 21.87
CA ILE B 240 -11.39 -6.81 21.46
C ILE B 240 -10.68 -8.07 21.96
N SER B 241 -9.59 -8.43 21.30
CA SER B 241 -8.82 -9.60 21.67
C SER B 241 -7.35 -9.26 21.55
N PRO B 242 -6.85 -8.37 22.43
CA PRO B 242 -5.46 -7.90 22.48
C PRO B 242 -4.41 -9.00 22.41
N PHE B 243 -4.69 -10.12 23.07
CA PHE B 243 -3.74 -11.21 23.13
C PHE B 243 -3.85 -12.32 22.09
N ALA B 244 -4.91 -12.31 21.29
CA ALA B 244 -5.08 -13.36 20.30
C ALA B 244 -4.24 -13.12 19.05
N HIS B 245 -3.75 -14.19 18.43
CA HIS B 245 -2.93 -14.04 17.23
C HIS B 245 -3.69 -14.59 16.02
N TYR B 246 -4.98 -14.82 16.22
CA TYR B 246 -5.84 -15.35 15.17
C TYR B 246 -5.68 -14.53 13.89
N ASN B 247 -5.56 -15.23 12.77
CA ASN B 247 -5.40 -14.60 11.46
C ASN B 247 -4.16 -13.71 11.38
N GLU B 248 -3.05 -14.27 11.85
CA GLU B 248 -1.74 -13.63 11.85
C GLU B 248 -1.77 -12.19 12.31
N ALA B 249 -2.52 -11.93 13.37
CA ALA B 249 -2.65 -10.57 13.86
C ALA B 249 -2.21 -10.41 15.31
N GLY B 250 -0.91 -10.49 15.54
CA GLY B 250 -0.39 -10.31 16.88
C GLY B 250 0.10 -8.89 17.10
N ASP B 251 0.47 -8.59 18.34
CA ASP B 251 0.97 -7.26 18.67
C ASP B 251 2.15 -7.47 19.62
N THR B 252 3.21 -6.68 19.46
CA THR B 252 4.37 -6.81 20.33
C THR B 252 4.12 -6.40 21.77
N ASN B 253 3.07 -5.62 22.01
CA ASN B 253 2.76 -5.20 23.38
C ASN B 253 1.26 -5.27 23.64
N PRO B 254 0.69 -6.49 23.64
CA PRO B 254 -0.72 -6.76 23.85
C PRO B 254 -1.31 -6.06 25.07
N THR B 255 -0.55 -6.09 26.16
CA THR B 255 -0.99 -5.50 27.40
C THR B 255 -1.17 -3.99 27.31
N ALA B 256 -0.21 -3.29 26.70
CA ALA B 256 -0.31 -1.84 26.55
C ALA B 256 -1.43 -1.53 25.57
N LEU B 257 -1.55 -2.38 24.54
CA LEU B 257 -2.60 -2.19 23.54
C LEU B 257 -3.95 -2.27 24.23
N GLY B 258 -4.15 -3.31 25.03
CA GLY B 258 -5.41 -3.46 25.73
C GLY B 258 -5.68 -2.34 26.70
N LEU B 259 -4.65 -1.96 27.47
CA LEU B 259 -4.79 -0.90 28.45
C LEU B 259 -5.14 0.42 27.76
N TYR B 260 -4.49 0.69 26.64
CA TYR B 260 -4.73 1.93 25.92
C TYR B 260 -6.18 2.01 25.43
N MET B 261 -6.69 0.88 24.92
CA MET B 261 -8.05 0.85 24.41
C MET B 261 -9.10 1.05 25.51
N VAL B 262 -9.00 0.32 26.61
CA VAL B 262 -10.03 0.53 27.62
C VAL B 262 -10.00 1.95 28.19
N GLU B 263 -8.80 2.48 28.40
CA GLU B 263 -8.70 3.83 28.93
C GLU B 263 -9.35 4.80 27.94
N SER B 264 -9.06 4.60 26.66
CA SER B 264 -9.61 5.48 25.64
C SER B 264 -11.12 5.36 25.53
N LEU B 265 -11.66 4.18 25.84
CA LEU B 265 -13.09 3.96 25.73
C LEU B 265 -13.93 4.62 26.81
N ASN B 266 -13.35 4.87 27.98
CA ASN B 266 -14.11 5.48 29.06
C ASN B 266 -14.84 6.76 28.69
N LYS B 267 -14.20 7.64 27.93
CA LYS B 267 -14.83 8.91 27.56
C LYS B 267 -16.14 8.74 26.82
N TYR B 268 -16.32 7.59 26.16
CA TYR B 268 -17.52 7.32 25.37
C TYR B 268 -18.74 6.78 26.11
N ASP B 269 -18.56 6.36 27.36
CA ASP B 269 -19.71 5.89 28.15
C ASP B 269 -20.53 4.79 27.46
N LEU B 270 -19.85 3.73 27.02
CA LEU B 270 -20.50 2.62 26.33
C LEU B 270 -21.30 1.69 27.22
N ALA B 271 -22.10 0.83 26.60
CA ALA B 271 -22.88 -0.14 27.35
C ALA B 271 -21.90 -1.20 27.90
N TYR B 272 -20.82 -1.48 27.18
CA TYR B 272 -19.86 -2.45 27.69
C TYR B 272 -18.61 -2.62 26.84
N CYS B 273 -17.63 -3.32 27.41
CA CYS B 273 -16.40 -3.63 26.71
C CYS B 273 -16.25 -5.13 26.94
N HIS B 274 -16.14 -5.88 25.85
CA HIS B 274 -16.06 -7.35 25.85
C HIS B 274 -14.63 -7.72 25.42
N VAL B 275 -13.92 -8.46 26.27
CA VAL B 275 -12.54 -8.81 25.98
C VAL B 275 -12.28 -10.29 26.05
N VAL B 276 -11.60 -10.82 25.04
CA VAL B 276 -11.32 -12.25 25.01
C VAL B 276 -10.08 -12.60 25.80
N GLU B 277 -10.19 -13.63 26.63
CA GLU B 277 -9.09 -14.13 27.46
C GLU B 277 -7.97 -14.67 26.60
N PRO B 278 -6.73 -14.55 27.06
CA PRO B 278 -5.59 -15.06 26.29
C PRO B 278 -5.67 -16.58 26.38
N ARG B 279 -5.12 -17.28 25.38
CA ARG B 279 -5.14 -18.73 25.37
C ARG B 279 -3.71 -19.29 25.35
N GLU B 291 0.29 -12.13 30.58
CA GLU B 291 -0.94 -11.74 29.89
C GLU B 291 -2.17 -12.01 30.76
N SER B 292 -2.87 -10.94 31.09
CA SER B 292 -4.05 -11.02 31.95
C SER B 292 -5.02 -9.92 31.53
N LEU B 293 -6.30 -10.11 31.84
CA LEU B 293 -7.31 -9.12 31.52
C LEU B 293 -7.57 -8.22 32.72
N VAL B 294 -7.02 -8.60 33.86
CA VAL B 294 -7.20 -7.86 35.11
C VAL B 294 -6.91 -6.36 35.02
N PRO B 295 -5.73 -5.97 34.51
CA PRO B 295 -5.43 -4.53 34.41
C PRO B 295 -6.49 -3.77 33.61
N MET B 296 -6.93 -4.37 32.51
CA MET B 296 -7.93 -3.73 31.65
C MET B 296 -9.24 -3.56 32.41
N ARG B 297 -9.64 -4.58 33.16
CA ARG B 297 -10.88 -4.50 33.91
C ARG B 297 -10.81 -3.31 34.88
N LYS B 298 -9.65 -3.16 35.52
CA LYS B 298 -9.45 -2.07 36.48
C LYS B 298 -9.46 -0.68 35.84
N ALA B 299 -8.80 -0.55 34.70
CA ALA B 299 -8.74 0.73 34.00
C ALA B 299 -10.06 1.09 33.32
N TYR B 300 -10.91 0.08 33.09
CA TYR B 300 -12.18 0.32 32.44
C TYR B 300 -13.30 0.67 33.42
N LYS B 301 -13.88 1.86 33.28
CA LYS B 301 -14.91 2.29 34.21
C LYS B 301 -16.32 1.73 34.00
N GLY B 302 -16.55 1.05 32.88
CA GLY B 302 -17.89 0.51 32.62
C GLY B 302 -18.03 -0.99 32.83
N THR B 303 -19.02 -1.58 32.16
CA THR B 303 -19.30 -3.02 32.24
C THR B 303 -18.27 -3.82 31.46
N PHE B 304 -17.74 -4.87 32.08
CA PHE B 304 -16.69 -5.67 31.49
C PHE B 304 -17.13 -7.11 31.25
N ILE B 305 -17.03 -7.56 30.00
CA ILE B 305 -17.44 -8.93 29.68
C ILE B 305 -16.21 -9.73 29.27
N VAL B 306 -16.04 -10.92 29.83
CA VAL B 306 -14.92 -11.78 29.45
C VAL B 306 -15.43 -13.04 28.74
N ALA B 307 -14.55 -13.69 27.98
CA ALA B 307 -14.92 -14.89 27.25
C ALA B 307 -13.68 -15.70 26.89
N GLY B 308 -13.88 -16.98 26.66
CA GLY B 308 -12.77 -17.83 26.26
C GLY B 308 -12.39 -18.93 27.23
N GLY B 309 -12.83 -20.16 26.94
CA GLY B 309 -12.48 -21.31 27.75
C GLY B 309 -13.16 -21.49 29.10
N TYR B 310 -14.23 -20.74 29.34
CA TYR B 310 -14.94 -20.84 30.61
C TYR B 310 -15.92 -21.99 30.73
N ASP B 311 -16.06 -22.47 31.95
CA ASP B 311 -17.02 -23.51 32.28
C ASP B 311 -17.82 -22.90 33.43
N ARG B 312 -18.62 -23.68 34.13
CA ARG B 312 -19.43 -23.14 35.23
C ARG B 312 -18.59 -22.65 36.40
N GLU B 313 -17.63 -23.47 36.81
CA GLU B 313 -16.77 -23.11 37.93
C GLU B 313 -16.02 -21.80 37.66
N ASP B 314 -15.34 -21.74 36.52
CA ASP B 314 -14.57 -20.55 36.15
C ASP B 314 -15.41 -19.29 36.04
N GLY B 315 -16.65 -19.43 35.58
CA GLY B 315 -17.51 -18.27 35.46
C GLY B 315 -17.73 -17.64 36.82
N ASN B 316 -18.28 -18.41 37.74
CA ASN B 316 -18.54 -17.94 39.09
C ASN B 316 -17.31 -17.28 39.69
N ARG B 317 -16.19 -17.98 39.60
CA ARG B 317 -14.92 -17.49 40.12
C ARG B 317 -14.58 -16.09 39.58
N ALA B 318 -14.60 -15.96 38.25
CA ALA B 318 -14.31 -14.69 37.60
C ALA B 318 -15.17 -13.55 38.15
N LEU B 319 -16.46 -13.82 38.31
CA LEU B 319 -17.37 -12.80 38.84
C LEU B 319 -16.99 -12.45 40.27
N ILE B 320 -16.90 -13.47 41.12
CA ILE B 320 -16.55 -13.28 42.51
C ILE B 320 -15.25 -12.52 42.71
N GLU B 321 -14.23 -12.86 41.93
CA GLU B 321 -12.92 -12.20 42.03
C GLU B 321 -12.88 -10.85 41.30
N ASP B 322 -14.05 -10.34 40.93
CA ASP B 322 -14.16 -9.04 40.28
C ASP B 322 -13.44 -8.92 38.94
N ARG B 323 -13.25 -10.04 38.25
CA ARG B 323 -12.57 -10.06 36.96
C ARG B 323 -13.47 -9.66 35.79
N ALA B 324 -14.76 -9.61 36.03
CA ALA B 324 -15.73 -9.27 34.99
C ALA B 324 -17.10 -9.10 35.61
N ASP B 325 -18.00 -8.47 34.88
CA ASP B 325 -19.36 -8.27 35.35
C ASP B 325 -20.25 -9.27 34.62
N LEU B 326 -19.81 -9.70 33.46
CA LEU B 326 -20.60 -10.66 32.67
C LEU B 326 -19.62 -11.64 32.06
N VAL B 327 -20.07 -12.87 31.86
CA VAL B 327 -19.23 -13.90 31.28
C VAL B 327 -19.96 -14.54 30.09
N ALA B 328 -19.33 -14.47 28.92
CA ALA B 328 -19.89 -15.02 27.70
C ALA B 328 -19.40 -16.44 27.43
N TYR B 329 -20.28 -17.30 26.95
CA TYR B 329 -19.93 -18.68 26.64
C TYR B 329 -20.23 -18.99 25.19
N GLY B 330 -19.28 -19.65 24.53
CA GLY B 330 -19.46 -20.01 23.14
C GLY B 330 -19.85 -21.46 22.94
N ARG B 331 -18.85 -22.33 22.90
CA ARG B 331 -19.06 -23.76 22.65
C ARG B 331 -20.11 -24.46 23.49
N LEU B 332 -20.09 -24.24 24.81
CA LEU B 332 -21.08 -24.87 25.66
C LEU B 332 -22.49 -24.37 25.38
N PHE B 333 -22.64 -23.14 24.86
CA PHE B 333 -23.98 -22.61 24.57
C PHE B 333 -24.44 -23.26 23.24
N ILE B 334 -23.50 -23.67 22.40
CA ILE B 334 -23.84 -24.33 21.16
C ILE B 334 -24.60 -25.62 21.48
N SER B 335 -24.00 -26.45 22.34
CA SER B 335 -24.61 -27.74 22.69
C SER B 335 -25.61 -27.77 23.84
N ASN B 336 -25.82 -26.65 24.53
CA ASN B 336 -26.79 -26.58 25.62
C ASN B 336 -27.66 -25.33 25.44
N PRO B 337 -28.84 -25.47 24.80
CA PRO B 337 -29.77 -24.35 24.57
C PRO B 337 -30.07 -23.65 25.88
N ASP B 338 -30.25 -24.45 26.92
CA ASP B 338 -30.55 -23.95 28.25
C ASP B 338 -29.32 -23.86 29.15
N LEU B 339 -28.20 -23.37 28.61
CA LEU B 339 -26.97 -23.27 29.39
C LEU B 339 -27.15 -22.56 30.73
N PRO B 340 -27.87 -21.43 30.75
CA PRO B 340 -28.05 -20.73 32.03
C PRO B 340 -28.70 -21.64 33.07
N LYS B 341 -29.77 -22.30 32.66
CA LYS B 341 -30.52 -23.19 33.53
C LYS B 341 -29.62 -24.30 34.04
N ARG B 342 -28.86 -24.92 33.16
CA ARG B 342 -27.99 -26.00 33.60
C ARG B 342 -26.96 -25.49 34.60
N PHE B 343 -26.56 -24.23 34.46
CA PHE B 343 -25.60 -23.66 35.39
C PHE B 343 -26.32 -23.39 36.70
N GLU B 344 -27.54 -22.86 36.59
CA GLU B 344 -28.32 -22.56 37.76
C GLU B 344 -28.61 -23.80 38.59
N LEU B 345 -28.90 -24.90 37.93
CA LEU B 345 -29.20 -26.16 38.61
C LEU B 345 -27.96 -27.05 38.71
N ASN B 346 -26.84 -26.58 38.17
CA ASN B 346 -25.59 -27.36 38.17
C ASN B 346 -25.85 -28.74 37.56
N ALA B 347 -26.61 -28.77 36.47
CA ALA B 347 -26.94 -30.01 35.77
C ALA B 347 -25.84 -30.42 34.83
N PRO B 348 -25.84 -31.69 34.39
CA PRO B 348 -24.79 -32.15 33.47
C PRO B 348 -24.95 -31.35 32.17
N LEU B 349 -23.90 -31.34 31.35
CA LEU B 349 -23.95 -30.59 30.10
C LEU B 349 -23.79 -31.48 28.88
N ASN B 350 -24.51 -31.16 27.80
CA ASN B 350 -24.40 -31.95 26.57
C ASN B 350 -23.02 -31.64 26.02
N LYS B 351 -22.36 -32.65 25.45
CA LYS B 351 -21.05 -32.42 24.85
C LYS B 351 -21.33 -31.72 23.50
N TYR B 352 -20.39 -30.92 23.02
CA TYR B 352 -20.60 -30.26 21.74
C TYR B 352 -19.82 -30.95 20.64
N ASN B 353 -20.40 -31.00 19.45
CA ASN B 353 -19.76 -31.66 18.33
C ASN B 353 -19.17 -30.61 17.39
N ARG B 354 -17.85 -30.41 17.46
CA ARG B 354 -17.20 -29.41 16.63
C ARG B 354 -17.34 -29.68 15.14
N ASP B 355 -17.61 -30.94 14.77
CA ASP B 355 -17.74 -31.29 13.37
C ASP B 355 -18.98 -30.70 12.71
N THR B 356 -19.87 -30.14 13.51
CA THR B 356 -21.06 -29.51 12.94
C THR B 356 -21.16 -28.06 13.41
N PHE B 357 -20.03 -27.49 13.83
CA PHE B 357 -20.02 -26.11 14.28
C PHE B 357 -20.34 -25.22 13.07
N TYR B 358 -19.69 -25.54 11.96
CA TYR B 358 -19.78 -24.77 10.74
C TYR B 358 -20.37 -25.49 9.55
N THR B 359 -21.07 -26.60 9.81
CA THR B 359 -21.71 -27.33 8.74
C THR B 359 -22.98 -26.57 8.40
N SER B 360 -23.59 -26.85 7.26
CA SER B 360 -24.75 -26.07 6.84
C SER B 360 -26.15 -26.59 7.04
N ASP B 361 -26.32 -27.69 7.75
CA ASP B 361 -27.67 -28.21 7.93
C ASP B 361 -28.49 -27.28 8.83
N PRO B 362 -29.76 -27.04 8.46
CA PRO B 362 -30.69 -26.18 9.21
C PRO B 362 -30.96 -26.66 10.64
N ILE B 363 -30.78 -27.96 10.85
CA ILE B 363 -31.04 -28.57 12.15
C ILE B 363 -29.82 -29.23 12.76
N VAL B 364 -29.30 -30.24 12.07
CA VAL B 364 -28.17 -31.01 12.60
C VAL B 364 -26.99 -30.19 13.13
N GLY B 365 -26.80 -30.27 14.46
CA GLY B 365 -25.74 -29.57 15.14
C GLY B 365 -26.05 -28.11 15.45
N TYR B 366 -27.28 -27.70 15.16
CA TYR B 366 -27.67 -26.30 15.36
C TYR B 366 -28.85 -26.16 16.32
N THR B 367 -29.91 -26.93 16.09
CA THR B 367 -31.06 -26.84 16.96
C THR B 367 -31.47 -28.21 17.50
N ASP B 368 -30.69 -29.24 17.23
CA ASP B 368 -31.08 -30.56 17.72
C ASP B 368 -30.40 -30.95 19.02
N TYR B 369 -29.77 -29.98 19.68
CA TYR B 369 -29.17 -30.24 20.99
C TYR B 369 -30.33 -30.16 21.97
N PRO B 370 -30.54 -31.23 22.76
CA PRO B 370 -31.64 -31.29 23.72
C PRO B 370 -31.58 -30.44 24.98
N PHE B 371 -32.75 -30.02 25.42
CA PHE B 371 -32.91 -29.27 26.66
C PHE B 371 -32.87 -30.32 27.76
N LEU B 372 -32.84 -29.87 29.01
CA LEU B 372 -32.83 -30.79 30.15
C LEU B 372 -34.14 -31.57 30.14
#